data_7JXG
#
_entry.id   7JXG
#
loop_
_entity.id
_entity.type
_entity.pdbx_description
1 polymer '1,2-dihydroxy-3-keto-5-methylthiopentene dioxygenase'
2 non-polymer 'FE (II) ION'
3 water water
#
_entity_poly.entity_id   1
_entity_poly.type   'polypeptide(L)'
_entity_poly.pdbx_seq_one_letter_code
;MVQAWYMDDAPGDPRQPHRPDPGRPVGLEQLRRLGVLYWKLDADKYENDPELEKIRRERNYSWMDIITICKDKLPNYEEK
IKMFYEEHLHLDDEIRYILDGSGYFDVRDKEDQWIRIFMEKGDMVTLPAGIYHRFTVDEKNYTKAMRLFVGEPVWTAYNR
PADHFEARGQYVKFLAQTA
;
_entity_poly.pdbx_strand_id   A
#
# COMPACT_ATOMS: atom_id res chain seq x y z
N MET A 1 14.88 -9.21 0.76
CA MET A 1 15.37 -7.89 0.25
C MET A 1 14.18 -7.06 -0.21
N VAL A 2 14.25 -5.75 0.01
CA VAL A 2 13.18 -4.85 -0.38
C VAL A 2 13.72 -3.69 -1.20
N GLN A 3 12.99 -3.30 -2.23
CA GLN A 3 13.41 -2.20 -3.09
C GLN A 3 12.69 -0.91 -2.71
N ALA A 4 13.45 0.07 -2.25
CA ALA A 4 12.88 1.35 -1.86
C ALA A 4 13.97 2.40 -1.75
N TRP A 5 13.59 3.66 -1.86
CA TRP A 5 14.57 4.73 -1.80
C TRP A 5 14.22 5.75 -0.72
N TYR A 6 15.25 6.30 -0.08
CA TYR A 6 15.05 7.31 0.95
C TYR A 6 15.19 8.70 0.33
N MET A 7 14.16 9.12 -0.39
CA MET A 7 14.17 10.42 -1.05
C MET A 7 14.30 11.56 -0.06
N ASP A 8 14.34 11.23 1.23
CA ASP A 8 14.47 12.27 2.26
C ASP A 8 15.67 13.15 1.95
N ASP A 9 16.71 12.54 1.40
CA ASP A 9 17.92 13.28 1.04
C ASP A 9 18.09 13.31 -0.47
N ALA A 10 17.08 12.84 -1.19
CA ALA A 10 17.13 12.82 -2.65
C ALA A 10 16.24 13.91 -3.25
N PRO A 11 16.53 14.31 -4.45
CA PRO A 11 15.75 15.37 -5.15
C PRO A 11 14.34 14.91 -5.51
N GLY A 12 13.38 15.83 -5.40
CA GLY A 12 11.99 15.52 -5.70
C GLY A 12 11.83 15.03 -7.15
N ASP A 13 12.69 15.52 -8.02
CA ASP A 13 12.62 15.12 -9.44
C ASP A 13 12.55 13.61 -9.57
N PRO A 14 11.46 13.11 -10.07
CA PRO A 14 11.23 11.65 -10.25
C PRO A 14 12.20 11.03 -11.26
N ARG A 15 12.54 11.80 -12.29
CA ARG A 15 13.46 11.32 -13.32
C ARG A 15 14.78 10.87 -12.68
N GLN A 16 15.20 11.57 -11.65
CA GLN A 16 16.45 11.23 -10.97
C GLN A 16 16.27 9.94 -10.16
N PRO A 17 17.35 9.26 -9.87
CA PRO A 17 17.32 7.99 -9.10
C PRO A 17 17.10 8.25 -7.62
N HIS A 18 17.08 9.53 -7.26
CA HIS A 18 16.88 9.90 -5.87
C HIS A 18 18.02 9.37 -5.01
N ARG A 19 19.21 9.36 -5.58
CA ARG A 19 20.38 8.87 -4.86
C ARG A 19 21.07 10.02 -4.13
N PRO A 20 20.86 10.11 -2.85
CA PRO A 20 21.47 11.19 -2.01
C PRO A 20 22.99 11.16 -2.07
N ASP A 21 23.62 12.26 -1.70
CA ASP A 21 25.08 12.34 -1.73
C ASP A 21 25.62 12.60 -0.33
N PRO A 22 26.13 11.59 0.32
CA PRO A 22 26.19 10.20 -0.24
C PRO A 22 24.79 9.59 -0.41
N GLY A 23 24.69 8.59 -1.27
CA GLY A 23 23.42 7.92 -1.52
C GLY A 23 23.15 6.85 -0.47
N ARG A 24 21.87 6.59 -0.21
CA ARG A 24 21.50 5.58 0.78
C ARG A 24 20.14 4.97 0.46
N PRO A 25 20.11 3.67 0.25
CA PRO A 25 18.86 2.92 -0.05
C PRO A 25 18.01 2.75 1.20
N VAL A 26 16.72 2.54 1.00
CA VAL A 26 15.81 2.37 2.12
C VAL A 26 16.25 1.21 3.01
N GLY A 27 15.98 1.32 4.30
CA GLY A 27 16.32 0.27 5.24
C GLY A 27 15.10 -0.60 5.51
N LEU A 28 15.07 -1.76 4.88
CA LEU A 28 13.95 -2.68 5.05
C LEU A 28 13.59 -2.81 6.52
N GLU A 29 14.60 -3.03 7.35
CA GLU A 29 14.38 -3.16 8.78
C GLU A 29 13.85 -1.85 9.36
N GLN A 30 14.31 -0.74 8.79
CA GLN A 30 13.89 0.58 9.26
C GLN A 30 12.39 0.76 9.06
N LEU A 31 11.89 0.29 7.92
CA LEU A 31 10.48 0.41 7.62
C LEU A 31 9.63 -0.50 8.51
N ARG A 32 10.13 -1.70 8.78
CA ARG A 32 9.39 -2.62 9.63
C ARG A 32 9.09 -1.95 10.96
N ARG A 33 10.07 -1.23 11.48
CA ARG A 33 9.89 -0.50 12.74
C ARG A 33 8.82 0.56 12.54
N LEU A 34 8.76 1.08 11.32
CA LEU A 34 7.78 2.10 10.97
C LEU A 34 6.38 1.52 11.03
N GLY A 35 6.29 0.20 10.90
CA GLY A 35 5.01 -0.48 10.95
C GLY A 35 4.66 -1.07 9.59
N VAL A 36 5.66 -1.22 8.73
CA VAL A 36 5.43 -1.77 7.40
C VAL A 36 5.74 -3.26 7.37
N LEU A 37 4.79 -4.02 6.84
CA LEU A 37 4.93 -5.47 6.74
C LEU A 37 4.84 -5.91 5.28
N TYR A 38 5.66 -6.88 4.90
CA TYR A 38 5.64 -7.36 3.52
C TYR A 38 5.78 -8.89 3.48
N TRP A 39 5.01 -9.52 2.60
CA TRP A 39 5.06 -10.98 2.47
C TRP A 39 5.71 -11.38 1.14
N LYS A 40 6.63 -12.33 1.19
CA LYS A 40 7.29 -12.78 -0.03
C LYS A 40 6.76 -14.16 -0.42
N LEU A 41 5.89 -14.17 -1.41
CA LEU A 41 5.31 -15.41 -1.90
C LEU A 41 5.13 -15.36 -3.41
N ASP A 42 5.09 -16.52 -4.05
CA ASP A 42 4.89 -16.57 -5.49
C ASP A 42 3.40 -16.63 -5.77
N ALA A 43 2.89 -15.67 -6.54
CA ALA A 43 1.47 -15.66 -6.84
C ALA A 43 0.98 -17.06 -7.16
N ASP A 44 1.77 -17.78 -7.94
CA ASP A 44 1.43 -19.15 -8.30
C ASP A 44 1.49 -20.03 -7.06
N LYS A 45 2.40 -19.69 -6.15
CA LYS A 45 2.54 -20.46 -4.92
C LYS A 45 1.55 -19.97 -3.88
N TYR A 46 0.92 -18.83 -4.15
CA TYR A 46 -0.05 -18.28 -3.21
C TYR A 46 -1.32 -19.12 -3.23
N GLU A 47 -1.91 -19.27 -4.41
CA GLU A 47 -3.12 -20.06 -4.55
C GLU A 47 -2.83 -21.52 -4.29
N ASN A 48 -1.66 -21.99 -4.71
CA ASN A 48 -1.30 -23.37 -4.50
C ASN A 48 -0.82 -23.56 -3.06
N ASP A 49 -0.60 -22.45 -2.38
CA ASP A 49 -0.17 -22.49 -1.00
C ASP A 49 -1.02 -21.56 -0.13
N PRO A 50 -2.16 -22.03 0.30
CA PRO A 50 -3.09 -21.27 1.18
C PRO A 50 -2.35 -20.60 2.34
N GLU A 51 -1.08 -20.93 2.49
CA GLU A 51 -0.27 -20.36 3.57
C GLU A 51 -0.50 -18.85 3.66
N LEU A 52 -0.71 -18.21 2.51
CA LEU A 52 -0.94 -16.77 2.51
C LEU A 52 -2.17 -16.46 3.34
N GLU A 53 -3.13 -17.39 3.34
CA GLU A 53 -4.34 -17.21 4.12
C GLU A 53 -4.00 -17.17 5.60
N LYS A 54 -3.00 -17.97 5.99
CA LYS A 54 -2.56 -18.00 7.38
C LYS A 54 -2.13 -16.62 7.82
N ILE A 55 -1.43 -15.92 6.93
CA ILE A 55 -0.97 -14.57 7.23
C ILE A 55 -2.17 -13.67 7.53
N ARG A 56 -3.25 -13.90 6.78
CA ARG A 56 -4.47 -13.12 6.98
C ARG A 56 -4.99 -13.27 8.40
N ARG A 57 -4.92 -14.50 8.92
CA ARG A 57 -5.40 -14.76 10.26
C ARG A 57 -4.64 -13.92 11.28
N GLU A 58 -3.33 -13.79 11.08
CA GLU A 58 -2.50 -13.00 11.97
C GLU A 58 -2.87 -11.52 11.88
N ARG A 59 -3.30 -11.09 10.70
CA ARG A 59 -3.67 -9.69 10.50
C ARG A 59 -5.18 -9.50 10.57
N ASN A 60 -5.89 -10.58 10.94
CA ASN A 60 -7.35 -10.52 11.06
C ASN A 60 -8.02 -10.16 9.73
N TYR A 61 -7.58 -10.80 8.65
CA TYR A 61 -8.19 -10.53 7.34
C TYR A 61 -9.10 -11.68 6.93
N SER A 62 -10.40 -11.41 6.86
CA SER A 62 -11.36 -12.45 6.48
C SER A 62 -11.75 -12.32 5.02
N TRP A 63 -11.57 -11.14 4.45
CA TRP A 63 -11.92 -10.93 3.05
C TRP A 63 -10.67 -10.77 2.18
N MET A 64 -10.62 -11.55 1.11
CA MET A 64 -9.48 -11.50 0.20
C MET A 64 -9.94 -11.70 -1.23
N ASP A 65 -9.26 -11.06 -2.17
CA ASP A 65 -9.62 -11.17 -3.58
C ASP A 65 -8.43 -10.78 -4.46
N ILE A 66 -8.53 -11.10 -5.74
CA ILE A 66 -7.45 -10.78 -6.68
C ILE A 66 -7.90 -9.65 -7.60
N ILE A 67 -7.14 -8.55 -7.59
CA ILE A 67 -7.48 -7.41 -8.41
C ILE A 67 -6.37 -7.09 -9.41
N THR A 68 -6.76 -6.76 -10.63
CA THR A 68 -5.81 -6.42 -11.67
C THR A 68 -6.06 -4.99 -12.16
N ILE A 69 -4.99 -4.27 -12.46
CA ILE A 69 -5.13 -2.90 -12.91
C ILE A 69 -4.86 -2.78 -14.40
N CYS A 70 -5.83 -2.21 -15.12
CA CYS A 70 -5.72 -2.03 -16.56
C CYS A 70 -6.83 -1.12 -17.04
N LYS A 71 -6.49 -0.16 -17.90
CA LYS A 71 -7.49 0.77 -18.42
C LYS A 71 -8.63 0.03 -19.12
N ASP A 72 -8.28 -0.94 -19.96
CA ASP A 72 -9.29 -1.70 -20.68
C ASP A 72 -9.96 -2.75 -19.80
N LYS A 73 -9.20 -3.31 -18.86
CA LYS A 73 -9.74 -4.34 -17.97
C LYS A 73 -10.16 -3.75 -16.63
N LEU A 74 -9.92 -2.46 -16.44
CA LEU A 74 -10.29 -1.81 -15.19
C LEU A 74 -11.17 -0.60 -15.44
N PRO A 75 -12.40 -0.81 -15.79
CA PRO A 75 -13.36 0.29 -16.03
C PRO A 75 -13.32 1.26 -14.85
N ASN A 76 -13.67 2.51 -15.09
CA ASN A 76 -13.64 3.48 -14.00
C ASN A 76 -12.21 3.79 -13.59
N TYR A 77 -11.31 3.75 -14.57
CA TYR A 77 -9.90 4.02 -14.31
C TYR A 77 -9.69 5.44 -13.81
N GLU A 78 -10.33 6.40 -14.46
CA GLU A 78 -10.16 7.80 -14.07
C GLU A 78 -10.49 8.03 -12.59
N GLU A 79 -11.68 7.62 -12.16
CA GLU A 79 -12.06 7.82 -10.77
C GLU A 79 -11.37 6.82 -9.85
N LYS A 80 -11.35 5.55 -10.25
CA LYS A 80 -10.73 4.52 -9.44
C LYS A 80 -9.25 4.80 -9.22
N ILE A 81 -8.54 5.09 -10.29
CA ILE A 81 -7.10 5.36 -10.19
C ILE A 81 -6.84 6.71 -9.51
N LYS A 82 -7.69 7.69 -9.79
CA LYS A 82 -7.51 9.00 -9.18
C LYS A 82 -7.85 8.94 -7.68
N MET A 83 -8.87 8.16 -7.33
CA MET A 83 -9.29 8.05 -5.94
C MET A 83 -8.15 7.59 -5.04
N PHE A 84 -7.44 6.54 -5.43
CA PHE A 84 -6.32 6.08 -4.62
C PHE A 84 -5.04 6.80 -4.99
N TYR A 85 -5.06 7.49 -6.13
CA TYR A 85 -3.91 8.24 -6.58
C TYR A 85 -3.48 9.27 -5.54
N GLU A 86 -4.44 10.01 -4.99
CA GLU A 86 -4.11 11.03 -3.99
C GLU A 86 -3.81 10.38 -2.64
N GLU A 87 -2.89 11.00 -1.90
CA GLU A 87 -2.52 10.48 -0.59
C GLU A 87 -3.55 10.90 0.47
N HIS A 88 -3.93 9.95 1.32
CA HIS A 88 -4.92 10.25 2.34
C HIS A 88 -4.61 9.47 3.63
N LEU A 89 -5.33 9.81 4.69
CA LEU A 89 -5.15 9.14 5.97
C LEU A 89 -6.47 8.56 6.48
N HIS A 90 -6.38 7.51 7.29
CA HIS A 90 -7.58 6.87 7.83
C HIS A 90 -7.22 5.85 8.89
N LEU A 91 -8.23 5.42 9.66
CA LEU A 91 -8.02 4.46 10.73
C LEU A 91 -8.06 3.03 10.22
N ASP A 92 -7.94 2.86 8.91
CA ASP A 92 -7.98 1.51 8.32
C ASP A 92 -6.58 1.11 7.85
N ASP A 93 -6.32 -0.19 7.90
CA ASP A 93 -5.02 -0.71 7.48
C ASP A 93 -4.99 -0.90 5.98
N GLU A 94 -3.79 -1.07 5.43
CA GLU A 94 -3.64 -1.26 3.98
C GLU A 94 -2.85 -2.53 3.68
N ILE A 95 -3.51 -3.50 3.06
CA ILE A 95 -2.85 -4.74 2.72
C ILE A 95 -2.90 -4.97 1.21
N ARG A 96 -1.73 -4.99 0.58
CA ARG A 96 -1.66 -5.19 -0.86
C ARG A 96 -0.63 -6.25 -1.20
N TYR A 97 -0.97 -7.11 -2.15
CA TYR A 97 -0.08 -8.18 -2.58
C TYR A 97 0.07 -8.12 -4.10
N ILE A 98 1.31 -8.12 -4.59
CA ILE A 98 1.54 -8.05 -6.02
C ILE A 98 1.77 -9.43 -6.61
N LEU A 99 0.72 -10.04 -7.15
CA LEU A 99 0.84 -11.36 -7.76
C LEU A 99 1.59 -11.25 -9.08
N ASP A 100 1.35 -10.14 -9.78
CA ASP A 100 2.00 -9.89 -11.06
C ASP A 100 2.01 -8.40 -11.38
N GLY A 101 2.86 -8.01 -12.32
CA GLY A 101 2.97 -6.61 -12.69
C GLY A 101 4.02 -5.90 -11.86
N SER A 102 4.26 -4.64 -12.18
CA SER A 102 5.25 -3.85 -11.45
C SER A 102 4.65 -2.52 -11.00
N GLY A 103 5.04 -2.08 -9.81
CA GLY A 103 4.53 -0.81 -9.29
C GLY A 103 5.24 -0.44 -7.99
N TYR A 104 4.89 0.71 -7.43
CA TYR A 104 5.50 1.15 -6.19
C TYR A 104 4.47 1.78 -5.26
N PHE A 105 4.70 1.66 -3.94
CA PHE A 105 3.78 2.21 -2.96
C PHE A 105 4.39 3.40 -2.23
N ASP A 106 3.57 4.40 -1.96
CA ASP A 106 4.03 5.61 -1.27
C ASP A 106 3.78 5.49 0.23
N VAL A 107 4.84 5.64 1.02
CA VAL A 107 4.72 5.56 2.47
C VAL A 107 5.34 6.78 3.13
N ARG A 108 4.87 7.10 4.34
CA ARG A 108 5.40 8.24 5.07
C ARG A 108 5.90 7.83 6.44
N ASP A 109 6.99 8.45 6.87
CA ASP A 109 7.58 8.16 8.17
C ASP A 109 7.16 9.20 9.21
N LYS A 110 7.20 8.81 10.48
CA LYS A 110 6.83 9.72 11.56
C LYS A 110 7.72 10.96 11.55
N GLU A 111 8.92 10.80 11.01
CA GLU A 111 9.87 11.89 10.93
C GLU A 111 9.48 12.85 9.82
N ASP A 112 8.28 12.67 9.29
CA ASP A 112 7.79 13.52 8.22
C ASP A 112 8.66 13.36 6.98
N GLN A 113 9.02 12.12 6.66
CA GLN A 113 9.84 11.83 5.51
C GLN A 113 9.10 10.89 4.56
N TRP A 114 9.38 11.02 3.26
CA TRP A 114 8.72 10.18 2.27
C TRP A 114 9.71 9.20 1.64
N ILE A 115 9.31 7.94 1.55
CA ILE A 115 10.15 6.90 0.97
C ILE A 115 9.45 6.25 -0.22
N ARG A 116 10.17 6.07 -1.31
CA ARG A 116 9.60 5.43 -2.49
C ARG A 116 9.87 3.94 -2.41
N ILE A 117 8.80 3.15 -2.29
CA ILE A 117 8.94 1.71 -2.17
C ILE A 117 8.46 1.02 -3.46
N PHE A 118 9.30 0.14 -3.98
CA PHE A 118 8.97 -0.57 -5.22
C PHE A 118 8.35 -1.93 -4.91
N MET A 119 7.20 -2.19 -5.51
CA MET A 119 6.51 -3.46 -5.30
C MET A 119 6.77 -4.41 -6.47
N GLU A 120 7.32 -5.58 -6.15
CA GLU A 120 7.63 -6.58 -7.16
C GLU A 120 6.71 -7.79 -7.02
N LYS A 121 6.60 -8.58 -8.09
CA LYS A 121 5.74 -9.75 -8.08
C LYS A 121 6.12 -10.69 -6.93
N GLY A 122 5.10 -11.16 -6.21
CA GLY A 122 5.32 -12.08 -5.11
C GLY A 122 5.55 -11.33 -3.80
N ASP A 123 5.79 -10.02 -3.90
CA ASP A 123 6.03 -9.20 -2.73
C ASP A 123 4.75 -8.52 -2.26
N MET A 124 4.39 -8.76 -1.00
CA MET A 124 3.19 -8.15 -0.42
C MET A 124 3.60 -7.05 0.56
N VAL A 125 2.75 -6.04 0.72
CA VAL A 125 3.05 -4.95 1.64
C VAL A 125 1.83 -4.53 2.44
N THR A 126 2.05 -4.18 3.70
CA THR A 126 0.95 -3.74 4.57
C THR A 126 1.28 -2.38 5.17
N LEU A 127 0.31 -1.47 5.14
CA LEU A 127 0.51 -0.13 5.69
C LEU A 127 -0.42 0.12 6.87
N PRO A 128 0.14 0.26 8.05
CA PRO A 128 -0.64 0.51 9.28
C PRO A 128 -1.58 1.70 9.13
N ALA A 129 -2.78 1.58 9.70
CA ALA A 129 -3.77 2.66 9.62
C ALA A 129 -3.31 3.88 10.41
N GLY A 130 -3.66 5.06 9.92
CA GLY A 130 -3.29 6.30 10.59
C GLY A 130 -2.04 6.92 9.95
N ILE A 131 -1.55 6.30 8.89
CA ILE A 131 -0.37 6.80 8.20
C ILE A 131 -0.70 7.15 6.75
N TYR A 132 -0.29 8.33 6.31
CA TYR A 132 -0.55 8.76 4.95
C TYR A 132 0.14 7.83 3.96
N HIS A 133 -0.48 7.61 2.80
CA HIS A 133 0.10 6.72 1.80
C HIS A 133 -0.50 6.99 0.42
N ARG A 134 0.26 6.63 -0.61
CA ARG A 134 -0.18 6.80 -1.99
C ARG A 134 0.26 5.61 -2.84
N PHE A 135 -0.69 5.01 -3.56
CA PHE A 135 -0.37 3.86 -4.40
C PHE A 135 -0.40 4.25 -5.88
N THR A 136 0.72 4.01 -6.57
CA THR A 136 0.81 4.32 -7.98
C THR A 136 1.51 3.21 -8.75
N VAL A 137 1.20 3.12 -10.05
CA VAL A 137 1.80 2.10 -10.91
C VAL A 137 1.56 2.45 -12.38
N ASP A 138 1.39 3.74 -12.65
CA ASP A 138 1.15 4.21 -14.01
C ASP A 138 2.35 3.95 -14.92
N GLU A 139 3.53 3.85 -14.32
CA GLU A 139 4.74 3.64 -15.10
C GLU A 139 4.62 2.40 -15.98
N LYS A 140 3.91 1.39 -15.47
CA LYS A 140 3.72 0.15 -16.22
C LYS A 140 2.34 0.13 -16.88
N ASN A 141 1.40 0.82 -16.25
CA ASN A 141 0.03 0.88 -16.78
C ASN A 141 -0.56 -0.52 -16.89
N TYR A 142 -0.08 -1.42 -16.04
CA TYR A 142 -0.58 -2.80 -16.04
C TYR A 142 0.02 -3.58 -14.88
N THR A 143 -0.73 -3.67 -13.78
CA THR A 143 -0.25 -4.38 -12.61
C THR A 143 -1.36 -5.25 -12.03
N LYS A 144 -1.01 -6.47 -11.61
CA LYS A 144 -1.98 -7.38 -11.01
C LYS A 144 -1.59 -7.67 -9.58
N ALA A 145 -2.43 -7.26 -8.63
CA ALA A 145 -2.15 -7.48 -7.22
C ALA A 145 -3.42 -7.84 -6.46
N MET A 146 -3.25 -8.56 -5.35
CA MET A 146 -4.40 -8.94 -4.52
C MET A 146 -4.58 -7.96 -3.38
N ARG A 147 -5.83 -7.74 -2.98
CA ARG A 147 -6.13 -6.82 -1.90
C ARG A 147 -6.84 -7.54 -0.75
N LEU A 148 -6.42 -7.24 0.48
CA LEU A 148 -7.02 -7.87 1.64
C LEU A 148 -7.66 -6.81 2.55
N PHE A 149 -8.96 -6.92 2.74
CA PHE A 149 -9.68 -5.98 3.59
C PHE A 149 -10.54 -6.72 4.60
N VAL A 150 -10.90 -6.03 5.68
CA VAL A 150 -11.74 -6.63 6.71
C VAL A 150 -13.11 -5.96 6.72
N GLY A 151 -14.16 -6.78 6.73
CA GLY A 151 -15.52 -6.24 6.73
C GLY A 151 -15.95 -5.87 5.32
N GLU A 152 -17.00 -5.04 5.21
CA GLU A 152 -17.50 -4.62 3.91
C GLU A 152 -16.49 -3.71 3.22
N PRO A 153 -16.39 -3.82 1.91
CA PRO A 153 -15.44 -2.99 1.11
C PRO A 153 -15.66 -1.49 1.32
N VAL A 154 -14.87 -0.91 2.23
CA VAL A 154 -14.98 0.51 2.52
C VAL A 154 -14.58 1.37 1.32
N TRP A 155 -13.54 0.93 0.61
CA TRP A 155 -13.06 1.68 -0.56
C TRP A 155 -14.20 1.90 -1.55
N THR A 156 -15.11 0.95 -1.65
CA THR A 156 -16.22 1.08 -2.58
C THR A 156 -16.81 2.48 -2.46
N ALA A 157 -16.96 2.95 -1.22
CA ALA A 157 -17.49 4.28 -0.98
C ALA A 157 -16.87 4.87 0.28
N TYR A 158 -15.89 5.74 0.10
CA TYR A 158 -15.23 6.37 1.23
C TYR A 158 -14.90 7.84 0.92
N ASN A 159 -14.72 8.63 1.98
CA ASN A 159 -14.39 10.04 1.80
C ASN A 159 -12.88 10.23 1.78
N ARG A 160 -12.42 11.11 0.89
CA ARG A 160 -10.98 11.36 0.77
C ARG A 160 -10.34 11.46 2.15
N PRO A 161 -10.56 12.56 2.84
CA PRO A 161 -9.99 12.76 4.21
C PRO A 161 -10.69 11.89 5.25
N ALA A 162 -9.91 11.19 6.07
CA ALA A 162 -10.48 10.33 7.10
C ALA A 162 -11.19 11.16 8.15
N ASP A 163 -10.67 12.36 8.41
CA ASP A 163 -11.26 13.26 9.39
C ASP A 163 -12.66 13.71 8.93
N HIS A 164 -12.92 13.56 7.64
CA HIS A 164 -14.21 13.96 7.09
C HIS A 164 -15.36 13.43 7.96
N PHE A 165 -15.17 12.23 8.51
CA PHE A 165 -16.19 11.64 9.35
C PHE A 165 -16.05 12.12 10.79
N GLU A 166 -17.16 12.52 11.39
CA GLU A 166 -17.15 13.02 12.77
C GLU A 166 -16.63 11.95 13.72
N ALA A 167 -17.12 10.73 13.56
CA ALA A 167 -16.72 9.62 14.42
C ALA A 167 -15.28 9.20 14.15
N ARG A 168 -14.94 9.04 12.88
CA ARG A 168 -13.60 8.64 12.49
C ARG A 168 -12.68 9.86 12.40
N GLY A 169 -13.27 11.04 12.46
CA GLY A 169 -12.50 12.27 12.37
C GLY A 169 -12.40 12.96 13.73
N GLN A 170 -13.54 13.17 14.38
CA GLN A 170 -13.56 13.81 15.69
C GLN A 170 -12.67 13.05 16.66
N TYR A 171 -12.68 11.72 16.56
CA TYR A 171 -11.87 10.90 17.45
C TYR A 171 -10.40 11.27 17.32
N VAL A 172 -9.98 11.58 16.10
CA VAL A 172 -8.60 11.96 15.83
C VAL A 172 -8.22 13.23 16.60
N LYS A 173 -9.16 14.17 16.68
CA LYS A 173 -8.92 15.42 17.38
C LYS A 173 -8.48 15.16 18.82
N PHE A 174 -9.03 14.12 19.42
CA PHE A 174 -8.68 13.77 20.79
C PHE A 174 -7.19 13.51 20.91
N LEU A 175 -6.61 12.91 19.88
CA LEU A 175 -5.18 12.61 19.88
C LEU A 175 -4.36 13.88 19.98
N ALA A 176 -4.84 14.96 19.35
CA ALA A 176 -4.14 16.23 19.37
C ALA A 176 -4.00 16.75 20.81
N GLN A 177 -5.06 16.61 21.59
CA GLN A 177 -5.04 17.06 22.98
C GLN A 177 -4.02 16.25 23.79
N THR A 178 -3.85 14.98 23.42
CA THR A 178 -2.90 14.13 24.12
C THR A 178 -1.58 14.86 24.36
N MET A 1 16.32 -8.35 -2.79
CA MET A 1 14.95 -8.65 -2.30
C MET A 1 13.97 -7.60 -2.86
N VAL A 2 13.86 -6.48 -2.16
CA VAL A 2 12.97 -5.41 -2.58
C VAL A 2 13.72 -4.08 -2.63
N GLN A 3 13.36 -3.26 -3.61
CA GLN A 3 14.01 -1.96 -3.77
C GLN A 3 13.40 -0.94 -2.81
N ALA A 4 14.26 -0.17 -2.15
CA ALA A 4 13.79 0.83 -1.20
C ALA A 4 14.75 2.01 -1.18
N TRP A 5 14.20 3.21 -1.16
CA TRP A 5 15.03 4.40 -1.17
C TRP A 5 14.52 5.46 -0.19
N TYR A 6 15.44 6.31 0.27
CA TYR A 6 15.07 7.38 1.19
C TYR A 6 15.08 8.70 0.45
N MET A 7 13.89 9.28 0.26
CA MET A 7 13.77 10.54 -0.44
C MET A 7 13.76 11.71 0.52
N ASP A 8 13.86 11.43 1.81
CA ASP A 8 13.85 12.48 2.82
C ASP A 8 14.95 13.50 2.56
N ASP A 9 16.06 13.02 2.04
CA ASP A 9 17.20 13.89 1.74
C ASP A 9 17.20 14.26 0.26
N ALA A 10 17.07 13.23 -0.59
CA ALA A 10 17.07 13.45 -2.03
C ALA A 10 15.78 14.12 -2.49
N PRO A 11 15.87 14.89 -3.54
CA PRO A 11 14.70 15.62 -4.12
C PRO A 11 13.66 14.66 -4.69
N GLY A 12 12.39 15.03 -4.55
CA GLY A 12 11.30 14.21 -5.05
C GLY A 12 11.42 13.96 -6.56
N ASP A 13 12.10 14.88 -7.25
CA ASP A 13 12.26 14.74 -8.69
C ASP A 13 12.63 13.31 -9.06
N PRO A 14 11.75 12.62 -9.72
CA PRO A 14 11.97 11.21 -10.14
C PRO A 14 13.19 11.06 -11.06
N ARG A 15 13.47 12.11 -11.84
CA ARG A 15 14.60 12.08 -12.75
C ARG A 15 15.88 11.73 -12.01
N GLN A 16 16.02 12.26 -10.80
CA GLN A 16 17.20 12.00 -9.98
C GLN A 16 17.09 10.64 -9.30
N PRO A 17 18.19 10.05 -8.93
CA PRO A 17 18.23 8.74 -8.25
C PRO A 17 17.78 8.85 -6.80
N HIS A 18 17.54 10.08 -6.37
CA HIS A 18 17.10 10.32 -5.01
C HIS A 18 18.22 10.02 -4.01
N ARG A 19 19.45 10.23 -4.46
CA ARG A 19 20.60 9.99 -3.59
C ARG A 19 21.48 11.23 -3.52
N PRO A 20 21.29 12.04 -2.51
CA PRO A 20 22.08 13.27 -2.31
C PRO A 20 23.46 12.97 -1.73
N ASP A 21 24.50 13.35 -2.46
CA ASP A 21 25.87 13.09 -2.01
C ASP A 21 26.16 13.80 -0.69
N PRO A 22 26.47 13.05 0.33
CA PRO A 22 26.52 11.56 0.27
C PRO A 22 25.12 10.96 0.30
N GLY A 23 24.81 10.12 -0.69
CA GLY A 23 23.48 9.50 -0.76
C GLY A 23 23.40 8.28 0.15
N ARG A 24 22.19 7.79 0.41
CA ARG A 24 22.02 6.64 1.26
C ARG A 24 20.74 5.88 0.90
N PRO A 25 20.89 4.65 0.48
CA PRO A 25 19.74 3.78 0.12
C PRO A 25 19.06 3.22 1.36
N VAL A 26 17.86 2.67 1.17
CA VAL A 26 17.12 2.12 2.29
C VAL A 26 16.70 0.69 2.01
N GLY A 27 16.42 -0.04 3.08
CA GLY A 27 15.99 -1.42 2.96
C GLY A 27 14.72 -1.65 3.75
N LEU A 28 14.15 -2.82 3.58
CA LEU A 28 12.91 -3.18 4.27
C LEU A 28 13.06 -2.97 5.77
N GLU A 29 14.25 -3.26 6.30
CA GLU A 29 14.48 -3.10 7.74
C GLU A 29 14.15 -1.68 8.19
N GLN A 30 14.52 -0.69 7.38
CA GLN A 30 14.23 0.69 7.73
C GLN A 30 12.73 0.90 7.74
N LEU A 31 12.05 0.31 6.77
CA LEU A 31 10.61 0.41 6.66
C LEU A 31 9.93 -0.42 7.75
N ARG A 32 10.57 -1.52 8.12
CA ARG A 32 10.02 -2.38 9.16
C ARG A 32 9.76 -1.55 10.41
N ARG A 33 10.72 -0.68 10.73
CA ARG A 33 10.58 0.20 11.88
C ARG A 33 9.51 1.24 11.60
N LEU A 34 9.33 1.55 10.32
CA LEU A 34 8.34 2.54 9.90
C LEU A 34 6.93 2.04 10.18
N GLY A 35 6.82 0.77 10.55
CA GLY A 35 5.52 0.18 10.85
C GLY A 35 4.95 -0.54 9.64
N VAL A 36 5.79 -0.76 8.63
CA VAL A 36 5.35 -1.44 7.42
C VAL A 36 5.72 -2.92 7.48
N LEU A 37 4.77 -3.77 7.12
CA LEU A 37 4.99 -5.20 7.12
C LEU A 37 5.19 -5.71 5.70
N TYR A 38 6.27 -6.45 5.48
CA TYR A 38 6.55 -6.97 4.16
C TYR A 38 6.51 -8.50 4.14
N TRP A 39 5.69 -9.05 3.26
CA TRP A 39 5.56 -10.50 3.14
C TRP A 39 6.17 -10.98 1.83
N LYS A 40 6.95 -12.06 1.89
CA LYS A 40 7.56 -12.59 0.68
C LYS A 40 6.75 -13.78 0.18
N LEU A 41 5.99 -13.56 -0.89
CA LEU A 41 5.16 -14.60 -1.46
C LEU A 41 5.19 -14.56 -2.98
N ASP A 42 4.80 -15.66 -3.60
CA ASP A 42 4.77 -15.73 -5.06
C ASP A 42 3.35 -16.03 -5.51
N ALA A 43 2.92 -15.37 -6.57
CA ALA A 43 1.56 -15.57 -7.08
C ALA A 43 1.33 -17.05 -7.37
N ASP A 44 2.33 -17.67 -7.98
CA ASP A 44 2.24 -19.09 -8.30
C ASP A 44 2.24 -19.91 -7.02
N LYS A 45 2.96 -19.41 -6.01
CA LYS A 45 3.04 -20.09 -4.73
C LYS A 45 1.89 -19.64 -3.84
N TYR A 46 1.11 -18.67 -4.30
CA TYR A 46 -0.01 -18.18 -3.53
C TYR A 46 -1.17 -19.17 -3.63
N GLU A 47 -1.62 -19.42 -4.85
CA GLU A 47 -2.72 -20.35 -5.06
C GLU A 47 -2.28 -21.78 -4.80
N ASN A 48 -1.04 -22.10 -5.18
CA ASN A 48 -0.52 -23.43 -4.96
C ASN A 48 -0.18 -23.63 -3.49
N ASP A 49 -0.08 -22.51 -2.77
CA ASP A 49 0.24 -22.57 -1.35
C ASP A 49 -0.74 -21.72 -0.54
N PRO A 50 -1.87 -22.28 -0.21
CA PRO A 50 -2.91 -21.61 0.61
C PRO A 50 -2.32 -20.85 1.79
N GLU A 51 -1.03 -21.02 2.04
CA GLU A 51 -0.37 -20.35 3.15
C GLU A 51 -0.84 -18.89 3.20
N LEU A 52 -1.09 -18.30 2.04
CA LEU A 52 -1.56 -16.93 1.98
C LEU A 52 -2.81 -16.80 2.85
N GLU A 53 -3.68 -17.81 2.74
CA GLU A 53 -4.91 -17.82 3.51
C GLU A 53 -4.60 -17.80 5.01
N LYS A 54 -3.50 -18.47 5.38
CA LYS A 54 -3.11 -18.52 6.78
C LYS A 54 -2.88 -17.11 7.32
N ILE A 55 -2.24 -16.27 6.51
CA ILE A 55 -1.99 -14.89 6.93
C ILE A 55 -3.32 -14.19 7.15
N ARG A 56 -4.31 -14.57 6.36
CA ARG A 56 -5.65 -13.99 6.47
C ARG A 56 -6.16 -14.15 7.89
N ARG A 57 -5.93 -15.33 8.47
CA ARG A 57 -6.37 -15.59 9.83
C ARG A 57 -5.58 -14.74 10.82
N GLU A 58 -4.28 -14.57 10.55
CA GLU A 58 -3.41 -13.79 11.41
C GLU A 58 -3.84 -12.33 11.45
N ARG A 59 -4.25 -11.81 10.30
CA ARG A 59 -4.68 -10.42 10.22
C ARG A 59 -6.18 -10.31 10.43
N ASN A 60 -6.84 -11.45 10.60
CA ASN A 60 -8.27 -11.47 10.83
C ASN A 60 -9.06 -10.90 9.66
N TYR A 61 -8.78 -11.37 8.44
CA TYR A 61 -9.51 -10.89 7.28
C TYR A 61 -10.60 -11.87 6.88
N SER A 62 -11.85 -11.45 7.05
CA SER A 62 -12.99 -12.30 6.71
C SER A 62 -13.31 -12.21 5.23
N TRP A 63 -12.78 -11.19 4.57
CA TRP A 63 -13.03 -11.00 3.15
C TRP A 63 -11.72 -10.77 2.40
N MET A 64 -11.51 -11.54 1.34
CA MET A 64 -10.30 -11.40 0.54
C MET A 64 -10.55 -11.86 -0.89
N ASP A 65 -10.10 -11.06 -1.85
CA ASP A 65 -10.28 -11.41 -3.27
C ASP A 65 -9.10 -10.91 -4.09
N ILE A 66 -9.06 -11.29 -5.36
CA ILE A 66 -7.98 -10.87 -6.23
C ILE A 66 -8.51 -9.92 -7.29
N ILE A 67 -7.93 -8.72 -7.35
CA ILE A 67 -8.36 -7.72 -8.32
C ILE A 67 -7.17 -7.10 -9.04
N THR A 68 -7.38 -6.71 -10.29
CA THR A 68 -6.33 -6.09 -11.08
C THR A 68 -6.81 -4.77 -11.66
N ILE A 69 -5.90 -3.81 -11.81
CA ILE A 69 -6.26 -2.51 -12.37
C ILE A 69 -6.27 -2.59 -13.89
N CYS A 70 -7.46 -2.56 -14.47
CA CYS A 70 -7.61 -2.62 -15.92
C CYS A 70 -9.05 -2.33 -16.31
N LYS A 71 -9.26 -1.21 -16.99
CA LYS A 71 -10.61 -0.82 -17.41
C LYS A 71 -11.24 -1.87 -18.32
N ASP A 72 -10.40 -2.57 -19.09
CA ASP A 72 -10.90 -3.60 -20.00
C ASP A 72 -11.61 -4.73 -19.26
N LYS A 73 -11.06 -5.13 -18.12
CA LYS A 73 -11.66 -6.20 -17.33
C LYS A 73 -12.26 -5.67 -16.04
N LEU A 74 -11.56 -4.76 -15.40
CA LEU A 74 -12.03 -4.17 -14.15
C LEU A 74 -12.36 -2.69 -14.33
N PRO A 75 -13.58 -2.40 -14.67
CA PRO A 75 -14.04 -1.01 -14.87
C PRO A 75 -13.67 -0.14 -13.68
N ASN A 76 -13.78 1.17 -13.83
CA ASN A 76 -13.44 2.09 -12.75
C ASN A 76 -11.94 2.40 -12.77
N TYR A 77 -11.32 2.21 -13.93
CA TYR A 77 -9.91 2.48 -14.06
C TYR A 77 -9.59 3.94 -13.74
N GLU A 78 -10.45 4.85 -14.19
CA GLU A 78 -10.23 6.27 -13.97
C GLU A 78 -10.15 6.60 -12.48
N GLU A 79 -11.18 6.24 -11.73
CA GLU A 79 -11.18 6.52 -10.30
C GLU A 79 -10.23 5.57 -9.58
N LYS A 80 -10.07 4.38 -10.12
CA LYS A 80 -9.20 3.38 -9.50
C LYS A 80 -7.77 3.90 -9.33
N ILE A 81 -7.16 4.35 -10.43
CA ILE A 81 -5.79 4.88 -10.35
C ILE A 81 -5.81 6.23 -9.66
N LYS A 82 -6.76 7.08 -10.03
CA LYS A 82 -6.87 8.40 -9.42
C LYS A 82 -7.04 8.26 -7.91
N MET A 83 -7.76 7.22 -7.49
CA MET A 83 -7.98 7.00 -6.07
C MET A 83 -6.64 6.85 -5.35
N PHE A 84 -5.75 6.07 -5.94
CA PHE A 84 -4.43 5.86 -5.36
C PHE A 84 -3.52 7.07 -5.63
N TYR A 85 -3.80 7.78 -6.70
CA TYR A 85 -3.00 8.95 -7.07
C TYR A 85 -2.92 9.95 -5.92
N GLU A 86 -4.06 10.27 -5.31
CA GLU A 86 -4.07 11.22 -4.21
C GLU A 86 -3.81 10.51 -2.88
N GLU A 87 -2.92 11.07 -2.09
CA GLU A 87 -2.59 10.49 -0.78
C GLU A 87 -3.83 10.47 0.10
N HIS A 88 -4.06 9.36 0.78
CA HIS A 88 -5.21 9.25 1.66
C HIS A 88 -4.82 8.59 2.98
N LEU A 89 -5.60 8.88 4.01
CA LEU A 89 -5.35 8.33 5.34
C LEU A 89 -6.55 7.51 5.82
N HIS A 90 -6.33 6.70 6.85
CA HIS A 90 -7.41 5.88 7.40
C HIS A 90 -7.00 5.27 8.73
N LEU A 91 -7.95 5.19 9.65
CA LEU A 91 -7.71 4.67 10.99
C LEU A 91 -7.35 3.18 10.97
N ASP A 92 -7.70 2.50 9.87
CA ASP A 92 -7.41 1.06 9.78
C ASP A 92 -6.27 0.79 8.80
N ASP A 93 -5.51 -0.26 9.08
CA ASP A 93 -4.39 -0.65 8.24
C ASP A 93 -4.87 -1.52 7.09
N GLU A 94 -4.49 -1.16 5.86
CA GLU A 94 -4.89 -1.92 4.69
C GLU A 94 -3.75 -2.82 4.22
N ILE A 95 -4.08 -4.04 3.82
CA ILE A 95 -3.08 -4.98 3.34
C ILE A 95 -3.32 -5.30 1.87
N ARG A 96 -2.25 -5.24 1.08
CA ARG A 96 -2.35 -5.52 -0.34
C ARG A 96 -1.23 -6.47 -0.78
N TYR A 97 -1.53 -7.32 -1.74
CA TYR A 97 -0.54 -8.28 -2.24
C TYR A 97 -0.45 -8.19 -3.76
N ILE A 98 0.75 -8.02 -4.28
CA ILE A 98 0.95 -7.90 -5.71
C ILE A 98 1.27 -9.26 -6.33
N LEU A 99 0.25 -9.90 -6.90
CA LEU A 99 0.44 -11.21 -7.52
C LEU A 99 1.16 -11.09 -8.86
N ASP A 100 0.89 -10.01 -9.60
CA ASP A 100 1.53 -9.83 -10.90
C ASP A 100 1.80 -8.36 -11.21
N GLY A 101 0.94 -7.49 -10.71
CA GLY A 101 1.09 -6.07 -10.96
C GLY A 101 2.45 -5.57 -10.49
N SER A 102 2.82 -4.40 -10.99
CA SER A 102 4.09 -3.78 -10.63
C SER A 102 3.94 -2.26 -10.60
N GLY A 103 4.70 -1.61 -9.73
CA GLY A 103 4.61 -0.14 -9.64
C GLY A 103 5.40 0.39 -8.45
N TYR A 104 5.19 1.66 -8.13
CA TYR A 104 5.88 2.29 -7.00
C TYR A 104 4.88 2.66 -5.90
N PHE A 105 5.22 2.32 -4.67
CA PHE A 105 4.35 2.63 -3.54
C PHE A 105 4.93 3.78 -2.71
N ASP A 106 4.14 4.82 -2.52
CA ASP A 106 4.58 5.98 -1.76
C ASP A 106 4.23 5.83 -0.28
N VAL A 107 5.24 5.86 0.58
CA VAL A 107 5.02 5.72 2.02
C VAL A 107 5.56 6.94 2.76
N ARG A 108 4.80 7.40 3.75
CA ARG A 108 5.22 8.56 4.53
C ARG A 108 5.52 8.16 5.97
N ASP A 109 6.60 8.70 6.52
CA ASP A 109 7.00 8.39 7.89
C ASP A 109 6.51 9.48 8.85
N LYS A 110 6.37 9.12 10.12
CA LYS A 110 5.91 10.08 11.13
C LYS A 110 6.90 11.23 11.25
N GLU A 111 8.15 10.97 10.86
CA GLU A 111 9.18 11.99 10.92
C GLU A 111 9.03 12.97 9.76
N ASP A 112 7.90 12.88 9.07
CA ASP A 112 7.62 13.75 7.93
C ASP A 112 8.62 13.49 6.79
N GLN A 113 8.86 12.22 6.52
CA GLN A 113 9.78 11.85 5.44
C GLN A 113 9.09 10.92 4.45
N TRP A 114 9.50 10.98 3.19
CA TRP A 114 8.92 10.15 2.15
C TRP A 114 9.91 9.10 1.66
N ILE A 115 9.45 7.86 1.50
CA ILE A 115 10.30 6.79 1.03
C ILE A 115 9.78 6.22 -0.29
N ARG A 116 10.68 6.03 -1.25
CA ARG A 116 10.29 5.48 -2.54
C ARG A 116 10.40 3.96 -2.51
N ILE A 117 9.26 3.29 -2.55
CA ILE A 117 9.26 1.83 -2.51
C ILE A 117 8.71 1.25 -3.81
N PHE A 118 9.39 0.25 -4.34
CA PHE A 118 8.95 -0.38 -5.58
C PHE A 118 8.23 -1.70 -5.29
N MET A 119 7.08 -1.89 -5.93
CA MET A 119 6.31 -3.11 -5.74
C MET A 119 6.63 -4.11 -6.84
N GLU A 120 7.18 -5.26 -6.45
CA GLU A 120 7.53 -6.29 -7.39
C GLU A 120 6.59 -7.48 -7.25
N LYS A 121 6.37 -8.20 -8.36
CA LYS A 121 5.47 -9.34 -8.34
C LYS A 121 5.82 -10.31 -7.21
N GLY A 122 4.81 -10.67 -6.42
CA GLY A 122 5.02 -11.60 -5.31
C GLY A 122 5.27 -10.86 -4.00
N ASP A 123 5.34 -9.53 -4.06
CA ASP A 123 5.60 -8.74 -2.87
C ASP A 123 4.29 -8.24 -2.25
N MET A 124 4.05 -8.65 -1.00
CA MET A 124 2.86 -8.22 -0.28
C MET A 124 3.28 -7.31 0.88
N VAL A 125 2.69 -6.13 0.95
CA VAL A 125 3.03 -5.18 2.00
C VAL A 125 1.80 -4.62 2.69
N THR A 126 1.94 -4.32 3.98
CA THR A 126 0.84 -3.77 4.76
C THR A 126 1.15 -2.35 5.19
N LEU A 127 0.17 -1.47 5.04
CA LEU A 127 0.35 -0.06 5.41
C LEU A 127 -0.53 0.28 6.62
N PRO A 128 0.10 0.51 7.75
CA PRO A 128 -0.60 0.88 9.00
C PRO A 128 -1.50 2.10 8.84
N ALA A 129 -2.65 2.08 9.48
CA ALA A 129 -3.59 3.19 9.39
C ALA A 129 -3.07 4.41 10.16
N GLY A 130 -3.42 5.59 9.69
CA GLY A 130 -2.98 6.83 10.34
C GLY A 130 -1.82 7.47 9.60
N ILE A 131 -1.37 6.82 8.53
CA ILE A 131 -0.27 7.34 7.74
C ILE A 131 -0.70 7.58 6.29
N TYR A 132 -0.36 8.75 5.76
CA TYR A 132 -0.72 9.09 4.38
C TYR A 132 0.24 8.40 3.41
N HIS A 133 -0.29 7.96 2.26
CA HIS A 133 0.54 7.29 1.26
C HIS A 133 -0.09 7.38 -0.13
N ARG A 134 0.75 7.22 -1.15
CA ARG A 134 0.26 7.27 -2.53
C ARG A 134 0.81 6.09 -3.33
N PHE A 135 -0.08 5.40 -4.03
CA PHE A 135 0.32 4.25 -4.84
C PHE A 135 0.13 4.54 -6.33
N THR A 136 1.16 4.27 -7.13
CA THR A 136 1.08 4.50 -8.57
C THR A 136 1.46 3.25 -9.35
N VAL A 137 0.94 3.13 -10.57
CA VAL A 137 1.23 1.98 -11.42
C VAL A 137 0.80 2.28 -12.86
N ASP A 138 0.61 3.56 -13.16
CA ASP A 138 0.18 3.98 -14.49
C ASP A 138 1.22 3.62 -15.56
N GLU A 139 2.48 3.50 -15.15
CA GLU A 139 3.54 3.18 -16.10
C GLU A 139 3.24 1.89 -16.85
N LYS A 140 2.69 0.92 -16.13
CA LYS A 140 2.35 -0.36 -16.74
C LYS A 140 0.88 -0.40 -17.15
N ASN A 141 0.14 0.64 -16.76
CA ASN A 141 -1.28 0.72 -17.08
C ASN A 141 -1.97 -0.60 -16.78
N TYR A 142 -1.29 -1.49 -16.06
CA TYR A 142 -1.87 -2.78 -15.70
C TYR A 142 -1.29 -3.27 -14.38
N THR A 143 -2.16 -3.49 -13.40
CA THR A 143 -1.71 -3.96 -12.10
C THR A 143 -2.61 -5.08 -11.59
N LYS A 144 -2.01 -6.16 -11.13
CA LYS A 144 -2.78 -7.29 -10.61
C LYS A 144 -2.30 -7.63 -9.21
N ALA A 145 -3.12 -7.33 -8.22
CA ALA A 145 -2.75 -7.60 -6.84
C ALA A 145 -3.96 -8.08 -6.03
N MET A 146 -3.70 -8.87 -5.00
CA MET A 146 -4.77 -9.37 -4.14
C MET A 146 -4.83 -8.56 -2.84
N ARG A 147 -6.03 -8.21 -2.40
CA ARG A 147 -6.17 -7.42 -1.18
C ARG A 147 -7.06 -8.14 -0.16
N LEU A 148 -6.75 -7.96 1.12
CA LEU A 148 -7.52 -8.58 2.18
C LEU A 148 -8.22 -7.51 3.03
N PHE A 149 -9.50 -7.74 3.32
CA PHE A 149 -10.27 -6.79 4.12
C PHE A 149 -11.39 -7.50 4.87
N VAL A 150 -11.91 -6.84 5.90
CA VAL A 150 -13.00 -7.42 6.69
C VAL A 150 -14.21 -6.49 6.68
N GLY A 151 -15.40 -7.07 6.59
CA GLY A 151 -16.63 -6.29 6.57
C GLY A 151 -16.95 -5.82 5.16
N GLU A 152 -17.87 -4.87 5.04
CA GLU A 152 -18.26 -4.35 3.73
C GLU A 152 -17.09 -3.60 3.09
N PRO A 153 -17.02 -3.60 1.78
CA PRO A 153 -15.93 -2.92 1.03
C PRO A 153 -15.78 -1.46 1.43
N VAL A 154 -14.57 -1.08 1.82
CA VAL A 154 -14.31 0.30 2.23
C VAL A 154 -13.82 1.12 1.04
N TRP A 155 -12.92 0.54 0.25
CA TRP A 155 -12.38 1.23 -0.91
C TRP A 155 -13.50 1.64 -1.86
N THR A 156 -14.52 0.80 -1.98
CA THR A 156 -15.64 1.12 -2.86
C THR A 156 -15.91 2.62 -2.81
N ALA A 157 -16.11 3.13 -1.60
CA ALA A 157 -16.36 4.55 -1.41
C ALA A 157 -15.77 5.03 -0.10
N TYR A 158 -14.62 5.67 -0.17
CA TYR A 158 -13.95 6.18 1.02
C TYR A 158 -13.47 7.61 0.81
N ASN A 159 -13.25 8.33 1.90
CA ASN A 159 -12.79 9.70 1.81
C ASN A 159 -11.26 9.75 1.86
N ARG A 160 -10.67 10.57 1.01
CA ARG A 160 -9.21 10.67 0.96
C ARG A 160 -8.64 10.78 2.37
N PRO A 161 -8.95 11.84 3.07
CA PRO A 161 -8.46 12.06 4.45
C PRO A 161 -9.21 11.22 5.48
N ALA A 162 -8.46 10.58 6.37
CA ALA A 162 -9.06 9.75 7.41
C ALA A 162 -9.89 10.59 8.37
N ASP A 163 -9.48 11.85 8.55
CA ASP A 163 -10.19 12.75 9.45
C ASP A 163 -11.24 13.55 8.70
N HIS A 164 -11.54 13.13 7.47
CA HIS A 164 -12.54 13.82 6.66
C HIS A 164 -13.83 13.99 7.44
N PHE A 165 -14.19 12.97 8.22
CA PHE A 165 -15.41 13.03 9.03
C PHE A 165 -15.13 13.71 10.37
N GLU A 166 -16.01 14.62 10.75
CA GLU A 166 -15.84 15.34 12.01
C GLU A 166 -15.83 14.37 13.19
N ALA A 167 -16.77 13.44 13.18
CA ALA A 167 -16.86 12.45 14.26
C ALA A 167 -15.72 11.44 14.19
N ARG A 168 -15.46 10.92 13.01
CA ARG A 168 -14.39 9.95 12.83
C ARG A 168 -13.05 10.65 12.61
N GLY A 169 -13.10 11.98 12.52
CA GLY A 169 -11.89 12.77 12.29
C GLY A 169 -11.48 13.50 13.57
N GLN A 170 -12.38 14.33 14.08
CA GLN A 170 -12.10 15.09 15.28
C GLN A 170 -11.70 14.16 16.43
N TYR A 171 -12.37 13.01 16.50
CA TYR A 171 -12.08 12.03 17.55
C TYR A 171 -10.65 11.52 17.42
N VAL A 172 -10.16 11.44 16.19
CA VAL A 172 -8.80 10.96 15.95
C VAL A 172 -7.79 11.86 16.65
N LYS A 173 -8.03 13.16 16.62
CA LYS A 173 -7.13 14.12 17.24
C LYS A 173 -6.99 13.83 18.73
N PHE A 174 -8.08 13.36 19.34
CA PHE A 174 -8.06 13.04 20.77
C PHE A 174 -6.98 12.03 21.08
N LEU A 175 -6.84 11.03 20.21
CA LEU A 175 -5.83 9.99 20.40
C LEU A 175 -4.43 10.60 20.40
N ALA A 176 -4.24 11.63 19.58
CA ALA A 176 -2.94 12.30 19.50
C ALA A 176 -2.57 12.91 20.85
N GLN A 177 -3.57 13.35 21.59
CA GLN A 177 -3.34 13.95 22.90
C GLN A 177 -2.73 12.93 23.85
N THR A 178 -3.11 11.67 23.68
CA THR A 178 -2.60 10.60 24.54
C THR A 178 -1.11 10.39 24.29
N MET A 1 16.12 -9.15 1.23
CA MET A 1 16.50 -7.87 0.56
C MET A 1 15.27 -7.22 -0.06
N VAL A 2 15.19 -5.90 0.06
CA VAL A 2 14.06 -5.16 -0.49
C VAL A 2 14.54 -4.02 -1.39
N GLN A 3 13.82 -3.78 -2.48
CA GLN A 3 14.17 -2.71 -3.40
C GLN A 3 13.29 -1.50 -3.14
N ALA A 4 13.90 -0.40 -2.70
CA ALA A 4 13.15 0.81 -2.41
C ALA A 4 14.11 1.99 -2.29
N TRP A 5 13.55 3.19 -2.20
CA TRP A 5 14.37 4.38 -2.10
C TRP A 5 14.07 5.16 -0.82
N TYR A 6 15.13 5.71 -0.23
CA TYR A 6 14.98 6.49 0.99
C TYR A 6 15.11 7.97 0.66
N MET A 7 14.11 8.50 -0.06
CA MET A 7 14.12 9.91 -0.45
C MET A 7 14.25 10.80 0.77
N ASP A 8 13.81 10.31 1.91
CA ASP A 8 13.87 11.07 3.15
C ASP A 8 15.30 11.56 3.40
N ASP A 9 16.26 10.74 3.02
CA ASP A 9 17.67 11.10 3.19
C ASP A 9 18.28 11.52 1.86
N ALA A 10 17.45 11.59 0.83
CA ALA A 10 17.93 11.99 -0.49
C ALA A 10 18.20 13.48 -0.56
N PRO A 11 19.16 13.88 -1.34
CA PRO A 11 19.53 15.31 -1.52
C PRO A 11 18.34 16.13 -1.99
N GLY A 12 18.23 17.35 -1.48
CA GLY A 12 17.13 18.24 -1.85
C GLY A 12 17.29 18.75 -3.28
N ASP A 13 17.92 17.94 -4.12
CA ASP A 13 18.13 18.33 -5.52
C ASP A 13 17.35 17.40 -6.45
N PRO A 14 16.19 17.82 -6.87
CA PRO A 14 15.32 17.02 -7.79
C PRO A 14 16.00 16.76 -9.13
N ARG A 15 17.09 17.47 -9.38
CA ARG A 15 17.83 17.32 -10.63
C ARG A 15 18.26 15.87 -10.85
N GLN A 16 18.65 15.22 -9.77
CA GLN A 16 19.09 13.82 -9.86
C GLN A 16 18.07 12.88 -9.24
N PRO A 17 18.24 11.60 -9.48
CA PRO A 17 17.33 10.54 -8.95
C PRO A 17 17.27 10.56 -7.41
N HIS A 18 17.99 11.51 -6.82
CA HIS A 18 18.02 11.64 -5.37
C HIS A 18 18.90 10.57 -4.74
N ARG A 19 19.90 10.11 -5.48
CA ARG A 19 20.82 9.10 -4.95
C ARG A 19 22.25 9.61 -4.96
N PRO A 20 22.69 10.12 -3.85
CA PRO A 20 24.08 10.64 -3.71
C PRO A 20 25.10 9.52 -3.76
N ASP A 21 26.07 9.63 -4.66
CA ASP A 21 27.09 8.61 -4.80
C ASP A 21 27.92 8.49 -3.54
N PRO A 22 27.90 7.34 -2.90
CA PRO A 22 27.10 6.17 -3.34
C PRO A 22 25.64 6.27 -2.91
N GLY A 23 24.73 5.81 -3.76
CA GLY A 23 23.31 5.86 -3.45
C GLY A 23 23.00 4.95 -2.26
N ARG A 24 21.85 5.18 -1.61
CA ARG A 24 21.47 4.37 -0.47
C ARG A 24 20.01 3.91 -0.57
N PRO A 25 19.80 2.63 -0.65
CA PRO A 25 18.44 2.03 -0.73
C PRO A 25 17.67 2.21 0.58
N VAL A 26 16.36 2.16 0.49
CA VAL A 26 15.52 2.30 1.67
C VAL A 26 15.86 1.26 2.72
N GLY A 27 15.82 1.65 3.98
CA GLY A 27 16.11 0.72 5.06
C GLY A 27 14.88 -0.10 5.39
N LEU A 28 14.86 -1.33 4.89
CA LEU A 28 13.73 -2.22 5.14
C LEU A 28 13.36 -2.21 6.62
N GLU A 29 14.37 -2.26 7.47
CA GLU A 29 14.13 -2.24 8.90
C GLU A 29 13.48 -0.93 9.31
N GLN A 30 13.88 0.14 8.64
CA GLN A 30 13.33 1.46 8.95
C GLN A 30 11.82 1.47 8.69
N LEU A 31 11.41 0.84 7.59
CA LEU A 31 9.99 0.77 7.25
C LEU A 31 9.26 -0.13 8.23
N ARG A 32 9.93 -1.18 8.70
CA ARG A 32 9.33 -2.09 9.65
C ARG A 32 8.78 -1.31 10.83
N ARG A 33 9.56 -0.33 11.29
CA ARG A 33 9.14 0.51 12.40
C ARG A 33 7.91 1.32 12.01
N LEU A 34 7.83 1.66 10.73
CA LEU A 34 6.71 2.44 10.21
C LEU A 34 5.42 1.64 10.32
N GLY A 35 5.56 0.32 10.49
CA GLY A 35 4.40 -0.55 10.60
C GLY A 35 4.13 -1.24 9.26
N VAL A 36 5.17 -1.33 8.43
CA VAL A 36 5.04 -1.95 7.12
C VAL A 36 5.54 -3.39 7.16
N LEU A 37 4.74 -4.31 6.62
CA LEU A 37 5.10 -5.72 6.59
C LEU A 37 5.45 -6.16 5.17
N TYR A 38 6.47 -7.01 5.05
CA TYR A 38 6.89 -7.49 3.74
C TYR A 38 6.73 -9.02 3.67
N TRP A 39 5.97 -9.46 2.68
CA TRP A 39 5.76 -10.90 2.48
C TRP A 39 6.23 -11.31 1.10
N LYS A 40 7.00 -12.40 1.04
CA LYS A 40 7.49 -12.89 -0.25
C LYS A 40 6.72 -14.14 -0.66
N LEU A 41 5.81 -13.98 -1.62
CA LEU A 41 5.03 -15.10 -2.10
C LEU A 41 4.85 -15.03 -3.61
N ASP A 42 4.66 -16.19 -4.23
CA ASP A 42 4.44 -16.25 -5.66
C ASP A 42 2.95 -16.47 -5.92
N ALA A 43 2.37 -15.70 -6.84
CA ALA A 43 0.95 -15.85 -7.12
C ALA A 43 0.63 -17.31 -7.36
N ASP A 44 1.49 -17.96 -8.13
CA ASP A 44 1.32 -19.38 -8.41
C ASP A 44 1.48 -20.19 -7.13
N LYS A 45 2.33 -19.68 -6.23
CA LYS A 45 2.57 -20.35 -4.97
C LYS A 45 1.51 -19.93 -3.95
N TYR A 46 0.84 -18.81 -4.20
CA TYR A 46 -0.18 -18.34 -3.28
C TYR A 46 -1.30 -19.37 -3.19
N GLU A 47 -1.89 -19.72 -4.33
CA GLU A 47 -2.96 -20.71 -4.34
C GLU A 47 -2.38 -22.11 -4.07
N ASN A 48 -1.23 -22.37 -4.68
CA ASN A 48 -0.58 -23.66 -4.49
C ASN A 48 -0.10 -23.79 -3.06
N ASP A 49 0.08 -22.65 -2.40
CA ASP A 49 0.53 -22.64 -1.02
C ASP A 49 -0.43 -21.87 -0.12
N PRO A 50 -1.46 -22.53 0.34
CA PRO A 50 -2.48 -21.93 1.25
C PRO A 50 -1.85 -21.05 2.33
N GLU A 51 -0.52 -21.06 2.41
CA GLU A 51 0.18 -20.25 3.41
C GLU A 51 -0.48 -18.88 3.50
N LEU A 52 -1.00 -18.39 2.37
CA LEU A 52 -1.66 -17.10 2.36
C LEU A 52 -2.76 -17.08 3.42
N GLU A 53 -3.49 -18.19 3.51
CA GLU A 53 -4.56 -18.31 4.50
C GLU A 53 -4.01 -18.15 5.90
N LYS A 54 -2.80 -18.66 6.13
CA LYS A 54 -2.19 -18.56 7.45
C LYS A 54 -2.04 -17.09 7.83
N ILE A 55 -1.57 -16.28 6.89
CA ILE A 55 -1.40 -14.85 7.14
C ILE A 55 -2.76 -14.23 7.44
N ARG A 56 -3.79 -14.78 6.81
CA ARG A 56 -5.15 -14.30 7.01
C ARG A 56 -5.50 -14.35 8.49
N ARG A 57 -5.09 -15.43 9.15
CA ARG A 57 -5.35 -15.57 10.58
C ARG A 57 -4.65 -14.45 11.34
N GLU A 58 -3.43 -14.14 10.94
CA GLU A 58 -2.66 -13.08 11.58
C GLU A 58 -3.31 -11.72 11.33
N ARG A 59 -3.69 -11.48 10.08
CA ARG A 59 -4.32 -10.23 9.70
C ARG A 59 -5.77 -10.19 10.17
N ASN A 60 -6.33 -11.37 10.43
CA ASN A 60 -7.70 -11.48 10.88
C ASN A 60 -8.67 -10.90 9.85
N TYR A 61 -8.45 -11.23 8.58
CA TYR A 61 -9.33 -10.75 7.52
C TYR A 61 -10.13 -11.90 6.92
N SER A 62 -11.45 -11.76 6.91
CA SER A 62 -12.31 -12.80 6.38
C SER A 62 -12.64 -12.55 4.91
N TRP A 63 -12.12 -11.46 4.34
CA TRP A 63 -12.39 -11.15 2.94
C TRP A 63 -11.10 -11.03 2.13
N MET A 64 -11.10 -11.66 0.96
CA MET A 64 -9.94 -11.60 0.06
C MET A 64 -10.38 -11.84 -1.37
N ASP A 65 -9.72 -11.18 -2.31
CA ASP A 65 -10.05 -11.33 -3.72
C ASP A 65 -8.88 -10.91 -4.61
N ILE A 66 -8.92 -11.32 -5.87
CA ILE A 66 -7.87 -10.97 -6.82
C ILE A 66 -8.45 -10.06 -7.91
N ILE A 67 -7.80 -8.93 -8.13
CA ILE A 67 -8.27 -7.98 -9.14
C ILE A 67 -7.14 -7.54 -10.06
N THR A 68 -7.51 -7.15 -11.27
CA THR A 68 -6.54 -6.69 -12.26
C THR A 68 -6.82 -5.22 -12.59
N ILE A 69 -5.76 -4.43 -12.78
CA ILE A 69 -5.94 -3.02 -13.08
C ILE A 69 -5.68 -2.75 -14.56
N CYS A 70 -6.66 -2.12 -15.20
CA CYS A 70 -6.57 -1.78 -16.61
C CYS A 70 -7.74 -0.88 -16.99
N LYS A 71 -7.45 0.25 -17.62
CA LYS A 71 -8.49 1.18 -18.01
C LYS A 71 -9.52 0.50 -18.92
N ASP A 72 -9.04 -0.24 -19.90
CA ASP A 72 -9.94 -0.94 -20.82
C ASP A 72 -10.70 -2.05 -20.10
N LYS A 73 -10.00 -2.78 -19.23
CA LYS A 73 -10.63 -3.87 -18.49
C LYS A 73 -11.63 -3.34 -17.48
N LEU A 74 -11.24 -2.26 -16.80
CA LEU A 74 -12.10 -1.65 -15.79
C LEU A 74 -12.17 -0.14 -15.98
N PRO A 75 -13.08 0.32 -16.78
CA PRO A 75 -13.25 1.77 -17.04
C PRO A 75 -13.12 2.54 -15.74
N ASN A 76 -13.18 3.88 -15.82
CA ASN A 76 -13.05 4.67 -14.61
C ASN A 76 -11.63 4.61 -14.09
N TYR A 77 -10.66 4.57 -15.00
CA TYR A 77 -9.26 4.50 -14.60
C TYR A 77 -8.82 5.77 -13.88
N GLU A 78 -9.08 6.92 -14.48
CA GLU A 78 -8.68 8.19 -13.89
C GLU A 78 -9.47 8.52 -12.63
N GLU A 79 -10.80 8.38 -12.70
CA GLU A 79 -11.61 8.70 -11.54
C GLU A 79 -11.31 7.73 -10.39
N LYS A 80 -11.16 6.46 -10.72
CA LYS A 80 -10.85 5.45 -9.71
C LYS A 80 -9.40 5.62 -9.24
N ILE A 81 -8.50 5.79 -10.21
CA ILE A 81 -7.08 5.97 -9.92
C ILE A 81 -6.82 7.21 -9.08
N LYS A 82 -7.23 8.36 -9.60
CA LYS A 82 -7.02 9.62 -8.90
C LYS A 82 -7.58 9.58 -7.47
N MET A 83 -8.67 8.83 -7.29
CA MET A 83 -9.29 8.73 -5.97
C MET A 83 -8.31 8.15 -4.94
N PHE A 84 -7.83 6.93 -5.17
CA PHE A 84 -6.89 6.32 -4.23
C PHE A 84 -5.46 6.73 -4.58
N TYR A 85 -5.27 7.22 -5.80
CA TYR A 85 -3.96 7.64 -6.26
C TYR A 85 -3.41 8.78 -5.41
N GLU A 86 -4.24 9.79 -5.14
CA GLU A 86 -3.81 10.91 -4.33
C GLU A 86 -3.51 10.46 -2.90
N GLU A 87 -2.47 11.04 -2.29
CA GLU A 87 -2.11 10.67 -0.94
C GLU A 87 -3.31 10.80 -0.01
N HIS A 88 -3.46 9.84 0.90
CA HIS A 88 -4.59 9.87 1.82
C HIS A 88 -4.35 8.91 2.99
N LEU A 89 -5.22 9.00 4.00
CA LEU A 89 -5.12 8.14 5.16
C LEU A 89 -6.49 7.55 5.52
N HIS A 90 -6.50 6.61 6.47
CA HIS A 90 -7.74 5.99 6.90
C HIS A 90 -7.51 5.13 8.15
N LEU A 91 -8.57 4.94 8.93
CA LEU A 91 -8.49 4.15 10.15
C LEU A 91 -8.40 2.66 9.84
N ASP A 92 -8.32 2.33 8.56
CA ASP A 92 -8.23 0.93 8.14
C ASP A 92 -6.83 0.61 7.63
N ASP A 93 -6.43 -0.66 7.77
CA ASP A 93 -5.12 -1.08 7.32
C ASP A 93 -5.13 -1.36 5.82
N GLU A 94 -4.00 -1.09 5.16
CA GLU A 94 -3.89 -1.31 3.73
C GLU A 94 -3.03 -2.54 3.44
N ILE A 95 -3.65 -3.55 2.83
CA ILE A 95 -2.94 -4.77 2.50
C ILE A 95 -3.15 -5.11 1.02
N ARG A 96 -2.06 -5.17 0.27
CA ARG A 96 -2.13 -5.48 -1.15
C ARG A 96 -1.06 -6.50 -1.52
N TYR A 97 -1.44 -7.48 -2.33
CA TYR A 97 -0.50 -8.51 -2.76
C TYR A 97 -0.28 -8.41 -4.26
N ILE A 98 0.99 -8.37 -4.66
CA ILE A 98 1.32 -8.28 -6.07
C ILE A 98 1.36 -9.66 -6.70
N LEU A 99 0.28 -10.02 -7.39
CA LEU A 99 0.21 -11.33 -8.04
C LEU A 99 0.91 -11.30 -9.40
N ASP A 100 0.67 -10.25 -10.17
CA ASP A 100 1.29 -10.13 -11.49
C ASP A 100 1.63 -8.68 -11.84
N GLY A 101 0.98 -7.74 -11.17
CA GLY A 101 1.23 -6.34 -11.44
C GLY A 101 2.45 -5.83 -10.67
N SER A 102 2.70 -4.53 -10.81
CA SER A 102 3.83 -3.89 -10.15
C SER A 102 3.51 -2.43 -9.86
N GLY A 103 4.21 -1.84 -8.90
CA GLY A 103 3.97 -0.44 -8.56
C GLY A 103 4.81 0.02 -7.37
N TYR A 104 4.67 1.29 -7.02
CA TYR A 104 5.42 1.86 -5.90
C TYR A 104 4.48 2.48 -4.89
N PHE A 105 4.77 2.30 -3.61
CA PHE A 105 3.93 2.86 -2.55
C PHE A 105 4.65 4.01 -1.85
N ASP A 106 3.95 5.15 -1.75
CA ASP A 106 4.52 6.32 -1.09
C ASP A 106 4.12 6.35 0.37
N VAL A 107 5.12 6.35 1.26
CA VAL A 107 4.85 6.39 2.70
C VAL A 107 5.70 7.45 3.38
N ARG A 108 5.15 8.06 4.42
CA ARG A 108 5.87 9.10 5.15
C ARG A 108 6.11 8.68 6.59
N ASP A 109 7.27 9.04 7.13
CA ASP A 109 7.62 8.70 8.50
C ASP A 109 7.42 9.90 9.42
N LYS A 110 7.58 9.69 10.72
CA LYS A 110 7.42 10.77 11.69
C LYS A 110 8.35 11.93 11.35
N GLU A 111 9.50 11.59 10.78
CA GLU A 111 10.48 12.59 10.40
C GLU A 111 9.88 13.56 9.39
N ASP A 112 8.68 13.22 8.91
CA ASP A 112 8.00 14.05 7.93
C ASP A 112 8.72 14.00 6.59
N GLN A 113 9.22 12.82 6.24
CA GLN A 113 9.91 12.62 4.98
C GLN A 113 9.21 11.57 4.16
N TRP A 114 9.38 11.63 2.84
CA TRP A 114 8.72 10.67 1.95
C TRP A 114 9.72 9.63 1.43
N ILE A 115 9.28 8.38 1.42
CA ILE A 115 10.14 7.29 0.93
C ILE A 115 9.47 6.62 -0.26
N ARG A 116 10.24 6.37 -1.31
CA ARG A 116 9.71 5.70 -2.48
C ARG A 116 9.89 4.20 -2.32
N ILE A 117 8.79 3.45 -2.42
CA ILE A 117 8.86 2.00 -2.25
C ILE A 117 8.56 1.29 -3.56
N PHE A 118 9.38 0.30 -3.89
CA PHE A 118 9.20 -0.48 -5.12
C PHE A 118 8.54 -1.82 -4.84
N MET A 119 7.48 -2.13 -5.58
CA MET A 119 6.78 -3.39 -5.40
C MET A 119 6.91 -4.26 -6.65
N GLU A 120 7.42 -5.47 -6.46
CA GLU A 120 7.62 -6.39 -7.58
C GLU A 120 6.51 -7.45 -7.59
N LYS A 121 6.45 -8.23 -8.67
CA LYS A 121 5.45 -9.27 -8.80
C LYS A 121 5.66 -10.35 -7.75
N GLY A 122 4.62 -10.60 -6.95
CA GLY A 122 4.68 -11.63 -5.92
C GLY A 122 5.04 -11.02 -4.56
N ASP A 123 5.27 -9.71 -4.55
CA ASP A 123 5.62 -9.01 -3.32
C ASP A 123 4.38 -8.43 -2.65
N MET A 124 4.12 -8.87 -1.42
CA MET A 124 2.98 -8.38 -0.66
C MET A 124 3.45 -7.47 0.48
N VAL A 125 2.81 -6.31 0.61
CA VAL A 125 3.17 -5.37 1.67
C VAL A 125 1.92 -4.80 2.35
N THR A 126 2.03 -4.54 3.65
CA THR A 126 0.91 -3.98 4.39
C THR A 126 1.29 -2.63 4.98
N LEU A 127 0.34 -1.69 4.94
CA LEU A 127 0.59 -0.35 5.47
C LEU A 127 -0.30 -0.07 6.68
N PRO A 128 0.22 0.63 7.65
CA PRO A 128 -0.54 0.99 8.88
C PRO A 128 -1.69 1.95 8.61
N ALA A 129 -2.70 1.92 9.46
CA ALA A 129 -3.85 2.80 9.29
C ALA A 129 -3.68 4.08 10.11
N GLY A 130 -4.07 5.21 9.51
CA GLY A 130 -3.95 6.50 10.18
C GLY A 130 -2.67 7.22 9.77
N ILE A 131 -1.89 6.57 8.90
CA ILE A 131 -0.65 7.16 8.42
C ILE A 131 -0.71 7.40 6.92
N TYR A 132 -0.14 8.51 6.47
CA TYR A 132 -0.15 8.84 5.05
C TYR A 132 0.35 7.66 4.22
N HIS A 133 -0.39 7.33 3.17
CA HIS A 133 0.00 6.22 2.30
C HIS A 133 -0.62 6.39 0.92
N ARG A 134 0.20 6.18 -0.11
CA ARG A 134 -0.27 6.32 -1.48
C ARG A 134 0.29 5.21 -2.37
N PHE A 135 -0.55 4.65 -3.22
CA PHE A 135 -0.12 3.59 -4.13
C PHE A 135 -0.16 4.08 -5.58
N THR A 136 0.91 3.80 -6.33
CA THR A 136 0.97 4.22 -7.72
C THR A 136 1.29 3.05 -8.64
N VAL A 137 0.57 2.96 -9.75
CA VAL A 137 0.79 1.89 -10.71
C VAL A 137 0.51 2.38 -12.13
N ASP A 138 0.28 3.68 -12.26
CA ASP A 138 -0.01 4.28 -13.56
C ASP A 138 1.10 3.98 -14.56
N GLU A 139 2.35 3.99 -14.10
CA GLU A 139 3.47 3.72 -14.99
C GLU A 139 3.36 2.34 -15.62
N LYS A 140 3.00 1.36 -14.80
CA LYS A 140 2.85 -0.01 -15.28
C LYS A 140 1.70 -0.12 -16.27
N ASN A 141 0.66 0.68 -16.05
CA ASN A 141 -0.51 0.67 -16.92
C ASN A 141 -1.28 -0.64 -16.76
N TYR A 142 -0.67 -1.61 -16.08
CA TYR A 142 -1.31 -2.90 -15.85
C TYR A 142 -0.80 -3.52 -14.57
N THR A 143 -1.70 -3.72 -13.61
CA THR A 143 -1.32 -4.33 -12.34
C THR A 143 -2.34 -5.37 -11.91
N LYS A 144 -1.86 -6.57 -11.61
CA LYS A 144 -2.73 -7.64 -11.17
C LYS A 144 -2.34 -8.06 -9.76
N ALA A 145 -3.13 -7.63 -8.78
CA ALA A 145 -2.85 -7.95 -7.38
C ALA A 145 -4.13 -8.22 -6.62
N MET A 146 -4.02 -9.00 -5.55
CA MET A 146 -5.19 -9.30 -4.72
C MET A 146 -5.22 -8.38 -3.51
N ARG A 147 -6.41 -7.97 -3.11
CA ARG A 147 -6.54 -7.07 -1.96
C ARG A 147 -7.29 -7.76 -0.82
N LEU A 148 -6.83 -7.51 0.41
CA LEU A 148 -7.46 -8.10 1.58
C LEU A 148 -8.02 -7.01 2.50
N PHE A 149 -9.24 -7.21 2.97
CA PHE A 149 -9.86 -6.24 3.87
C PHE A 149 -10.84 -6.94 4.81
N VAL A 150 -11.16 -6.28 5.92
CA VAL A 150 -12.08 -6.83 6.89
C VAL A 150 -13.34 -5.97 6.99
N GLY A 151 -14.50 -6.60 6.90
CA GLY A 151 -15.76 -5.88 6.98
C GLY A 151 -16.08 -5.25 5.62
N GLU A 152 -17.02 -4.30 5.63
CA GLU A 152 -17.41 -3.62 4.39
C GLU A 152 -16.32 -2.66 3.95
N PRO A 153 -15.88 -2.78 2.72
CA PRO A 153 -14.80 -1.92 2.15
C PRO A 153 -15.19 -0.44 2.17
N VAL A 154 -14.34 0.38 2.79
CA VAL A 154 -14.60 1.81 2.87
C VAL A 154 -14.29 2.46 1.53
N TRP A 155 -13.26 1.94 0.85
CA TRP A 155 -12.86 2.45 -0.44
C TRP A 155 -14.01 2.39 -1.44
N THR A 156 -14.89 1.41 -1.28
CA THR A 156 -16.01 1.28 -2.18
C THR A 156 -16.62 2.65 -2.42
N ALA A 157 -16.83 3.39 -1.34
CA ALA A 157 -17.39 4.74 -1.44
C ALA A 157 -16.82 5.62 -0.34
N TYR A 158 -15.85 6.45 -0.69
CA TYR A 158 -15.25 7.35 0.29
C TYR A 158 -14.60 8.55 -0.40
N ASN A 159 -14.26 9.57 0.38
CA ASN A 159 -13.63 10.76 -0.16
C ASN A 159 -12.12 10.60 -0.12
N ARG A 160 -11.42 11.34 -0.98
CA ARG A 160 -9.96 11.27 -1.03
C ARG A 160 -9.41 11.10 0.39
N PRO A 161 -9.64 12.05 1.25
CA PRO A 161 -9.17 12.01 2.65
C PRO A 161 -10.10 11.16 3.53
N ALA A 162 -9.71 9.91 3.77
CA ALA A 162 -10.51 9.01 4.59
C ALA A 162 -10.62 9.53 6.01
N ASP A 163 -9.56 10.17 6.49
CA ASP A 163 -9.55 10.71 7.84
C ASP A 163 -10.33 12.02 7.91
N HIS A 164 -10.79 12.49 6.75
CA HIS A 164 -11.55 13.73 6.68
C HIS A 164 -12.78 13.65 7.57
N PHE A 165 -13.35 12.46 7.71
CA PHE A 165 -14.54 12.27 8.53
C PHE A 165 -14.17 12.06 10.00
N GLU A 166 -14.86 12.77 10.88
CA GLU A 166 -14.60 12.66 12.31
C GLU A 166 -14.75 11.22 12.79
N ALA A 167 -15.82 10.58 12.34
CA ALA A 167 -16.08 9.19 12.74
C ALA A 167 -15.08 8.23 12.11
N ARG A 168 -14.83 8.40 10.83
CA ARG A 168 -13.87 7.54 10.13
C ARG A 168 -12.46 8.09 10.25
N GLY A 169 -12.33 9.24 10.91
CA GLY A 169 -11.03 9.88 11.08
C GLY A 169 -10.31 9.34 12.32
N GLN A 170 -9.08 9.80 12.51
CA GLN A 170 -8.28 9.38 13.66
C GLN A 170 -8.95 9.77 14.97
N TYR A 171 -9.68 10.88 14.95
CA TYR A 171 -10.37 11.36 16.14
C TYR A 171 -11.33 10.30 16.66
N VAL A 172 -11.85 9.48 15.76
CA VAL A 172 -12.78 8.43 16.14
C VAL A 172 -12.19 7.55 17.24
N LYS A 173 -10.87 7.35 17.17
CA LYS A 173 -10.19 6.53 18.17
C LYS A 173 -10.41 7.10 19.57
N PHE A 174 -10.47 8.42 19.66
CA PHE A 174 -10.69 9.08 20.96
C PHE A 174 -11.96 8.57 21.61
N LEU A 175 -13.01 8.40 20.82
CA LEU A 175 -14.28 7.91 21.33
C LEU A 175 -14.11 6.52 21.93
N ALA A 176 -13.24 5.72 21.33
CA ALA A 176 -13.00 4.36 21.82
C ALA A 176 -12.44 4.40 23.24
N GLN A 177 -11.68 5.44 23.54
CA GLN A 177 -11.09 5.58 24.86
C GLN A 177 -12.17 5.73 25.93
N THR A 178 -13.28 6.37 25.55
CA THR A 178 -14.39 6.56 26.48
C THR A 178 -14.82 5.24 27.08
N MET A 1 17.43 -6.75 0.57
CA MET A 1 16.77 -7.47 -0.57
C MET A 1 15.53 -6.70 -1.00
N VAL A 2 15.48 -5.43 -0.64
CA VAL A 2 14.33 -4.59 -1.01
C VAL A 2 14.81 -3.31 -1.68
N GLN A 3 14.07 -2.88 -2.71
CA GLN A 3 14.43 -1.67 -3.43
C GLN A 3 13.51 -0.53 -3.01
N ALA A 4 14.09 0.49 -2.39
CA ALA A 4 13.31 1.64 -1.94
C ALA A 4 14.25 2.80 -1.64
N TRP A 5 13.72 4.02 -1.70
CA TRP A 5 14.53 5.19 -1.44
C TRP A 5 13.89 6.09 -0.40
N TYR A 6 14.70 6.66 0.48
CA TYR A 6 14.21 7.56 1.52
C TYR A 6 14.34 9.01 1.06
N MET A 7 14.97 9.21 -0.09
CA MET A 7 15.18 10.54 -0.64
C MET A 7 14.07 10.92 -1.61
N ASP A 8 12.99 10.15 -1.61
CA ASP A 8 11.88 10.42 -2.52
C ASP A 8 11.39 11.85 -2.36
N ASP A 9 11.46 12.36 -1.13
CA ASP A 9 11.01 13.72 -0.84
C ASP A 9 11.76 14.73 -1.71
N ALA A 10 13.01 14.41 -2.07
CA ALA A 10 13.80 15.31 -2.89
C ALA A 10 13.08 15.61 -4.21
N PRO A 11 12.98 16.86 -4.55
CA PRO A 11 12.30 17.29 -5.81
C PRO A 11 12.98 16.74 -7.06
N GLY A 12 12.18 16.23 -7.99
CA GLY A 12 12.72 15.67 -9.22
C GLY A 12 11.74 14.70 -9.85
N ASP A 13 12.14 14.07 -10.95
CA ASP A 13 11.28 13.11 -11.64
C ASP A 13 11.23 11.81 -10.86
N PRO A 14 10.06 11.25 -10.70
CA PRO A 14 9.87 9.98 -9.97
C PRO A 14 10.66 8.83 -10.60
N ARG A 15 10.92 8.94 -11.89
CA ARG A 15 11.67 7.92 -12.61
C ARG A 15 13.03 7.69 -11.97
N GLN A 16 13.63 8.77 -11.46
CA GLN A 16 14.95 8.66 -10.83
C GLN A 16 14.81 8.61 -9.31
N PRO A 17 15.78 8.05 -8.65
CA PRO A 17 15.79 7.93 -7.17
C PRO A 17 16.37 9.17 -6.50
N HIS A 18 16.84 10.10 -7.30
CA HIS A 18 17.43 11.33 -6.77
C HIS A 18 18.42 11.00 -5.67
N ARG A 19 19.25 10.01 -5.92
CA ARG A 19 20.24 9.58 -4.94
C ARG A 19 21.21 10.72 -4.63
N PRO A 20 21.09 11.29 -3.47
CA PRO A 20 21.98 12.41 -3.02
C PRO A 20 23.41 11.93 -2.79
N ASP A 21 24.35 12.87 -2.81
CA ASP A 21 25.75 12.52 -2.60
C ASP A 21 26.26 13.09 -1.27
N PRO A 22 26.46 12.24 -0.30
CA PRO A 22 26.23 10.77 -0.41
C PRO A 22 24.74 10.42 -0.31
N GLY A 23 24.34 9.33 -0.97
CA GLY A 23 22.94 8.90 -0.93
C GLY A 23 22.74 7.83 0.13
N ARG A 24 21.48 7.45 0.34
CA ARG A 24 21.17 6.42 1.34
C ARG A 24 19.87 5.69 0.98
N PRO A 25 19.97 4.42 0.75
CA PRO A 25 18.80 3.56 0.41
C PRO A 25 17.92 3.28 1.62
N VAL A 26 16.64 3.06 1.37
CA VAL A 26 15.71 2.78 2.46
C VAL A 26 16.15 1.56 3.26
N GLY A 27 15.91 1.60 4.56
CA GLY A 27 16.26 0.48 5.42
C GLY A 27 15.04 -0.42 5.59
N LEU A 28 15.06 -1.57 4.90
CA LEU A 28 13.95 -2.50 4.98
C LEU A 28 13.53 -2.69 6.44
N GLU A 29 14.52 -2.83 7.31
CA GLU A 29 14.23 -2.99 8.73
C GLU A 29 13.56 -1.74 9.26
N GLN A 30 13.95 -0.59 8.72
CA GLN A 30 13.36 0.68 9.12
C GLN A 30 11.87 0.70 8.83
N LEU A 31 11.50 0.17 7.68
CA LEU A 31 10.09 0.13 7.28
C LEU A 31 9.30 -0.74 8.24
N ARG A 32 9.88 -1.86 8.68
CA ARG A 32 9.19 -2.73 9.62
C ARG A 32 8.81 -1.94 10.87
N ARG A 33 9.76 -1.14 11.36
CA ARG A 33 9.51 -0.31 12.53
C ARG A 33 8.63 0.87 12.14
N LEU A 34 8.78 1.31 10.90
CA LEU A 34 7.99 2.43 10.39
C LEU A 34 6.53 2.03 10.26
N GLY A 35 6.25 0.74 10.47
CA GLY A 35 4.89 0.24 10.39
C GLY A 35 4.67 -0.51 9.08
N VAL A 36 5.71 -0.57 8.25
CA VAL A 36 5.61 -1.27 6.97
C VAL A 36 6.27 -2.64 7.05
N LEU A 37 5.51 -3.66 6.68
CA LEU A 37 6.04 -5.03 6.71
C LEU A 37 6.20 -5.58 5.30
N TYR A 38 7.20 -6.44 5.12
CA TYR A 38 7.46 -7.03 3.81
C TYR A 38 7.21 -8.53 3.86
N TRP A 39 6.34 -9.02 2.98
CA TRP A 39 6.01 -10.44 2.92
C TRP A 39 6.51 -11.06 1.63
N LYS A 40 7.07 -12.26 1.72
CA LYS A 40 7.55 -12.96 0.53
C LYS A 40 6.51 -13.97 0.06
N LEU A 41 5.82 -13.63 -1.03
CA LEU A 41 4.79 -14.52 -1.56
C LEU A 41 4.86 -14.59 -3.09
N ASP A 42 4.69 -15.79 -3.62
CA ASP A 42 4.70 -15.98 -5.07
C ASP A 42 3.29 -16.27 -5.56
N ALA A 43 2.84 -15.54 -6.57
CA ALA A 43 1.50 -15.75 -7.08
C ALA A 43 1.27 -17.22 -7.37
N ASP A 44 2.28 -17.84 -7.96
CA ASP A 44 2.22 -19.26 -8.27
C ASP A 44 2.09 -20.06 -6.98
N LYS A 45 2.74 -19.56 -5.94
CA LYS A 45 2.70 -20.21 -4.64
C LYS A 45 1.48 -19.72 -3.85
N TYR A 46 0.93 -18.59 -4.27
CA TYR A 46 -0.23 -18.03 -3.59
C TYR A 46 -1.38 -19.04 -3.60
N GLU A 47 -1.65 -19.59 -4.78
CA GLU A 47 -2.70 -20.60 -4.91
C GLU A 47 -2.18 -21.96 -4.53
N ASN A 48 -0.97 -22.27 -5.01
CA ASN A 48 -0.35 -23.54 -4.71
C ASN A 48 0.01 -23.64 -3.23
N ASP A 49 0.16 -22.50 -2.60
CA ASP A 49 0.50 -22.46 -1.18
C ASP A 49 -0.48 -21.60 -0.41
N PRO A 50 -1.58 -22.16 -0.02
CA PRO A 50 -2.63 -21.47 0.78
C PRO A 50 -2.02 -20.75 1.98
N GLU A 51 -0.74 -21.02 2.22
CA GLU A 51 -0.06 -20.40 3.35
C GLU A 51 -0.40 -18.92 3.45
N LEU A 52 -0.56 -18.27 2.30
CA LEU A 52 -0.91 -16.86 2.30
C LEU A 52 -2.22 -16.65 3.04
N GLU A 53 -3.11 -17.64 2.93
CA GLU A 53 -4.40 -17.58 3.61
C GLU A 53 -4.19 -17.59 5.12
N LYS A 54 -3.19 -18.34 5.56
CA LYS A 54 -2.88 -18.42 6.99
C LYS A 54 -2.58 -17.03 7.54
N ILE A 55 -1.86 -16.23 6.76
CA ILE A 55 -1.52 -14.87 7.19
C ILE A 55 -2.80 -14.09 7.45
N ARG A 56 -3.76 -14.22 6.53
CA ARG A 56 -5.03 -13.51 6.67
C ARG A 56 -5.81 -14.07 7.87
N ARG A 57 -5.70 -15.37 8.10
CA ARG A 57 -6.39 -16.01 9.21
C ARG A 57 -5.87 -15.44 10.53
N GLU A 58 -4.56 -15.28 10.63
CA GLU A 58 -3.94 -14.75 11.84
C GLU A 58 -4.33 -13.29 12.03
N ARG A 59 -4.45 -12.55 10.93
CA ARG A 59 -4.82 -11.15 10.99
C ARG A 59 -6.33 -11.00 11.06
N ASN A 60 -7.02 -12.13 11.06
CA ASN A 60 -8.48 -12.13 11.11
C ASN A 60 -9.08 -11.39 9.92
N TYR A 61 -8.53 -11.62 8.73
CA TYR A 61 -9.06 -10.96 7.54
C TYR A 61 -10.29 -11.70 7.04
N SER A 62 -11.41 -10.97 6.95
CA SER A 62 -12.65 -11.57 6.50
C SER A 62 -12.88 -11.33 5.00
N TRP A 63 -12.41 -10.19 4.51
CA TRP A 63 -12.58 -9.85 3.10
C TRP A 63 -11.24 -9.84 2.36
N MET A 64 -11.14 -10.67 1.33
CA MET A 64 -9.94 -10.76 0.53
C MET A 64 -10.27 -11.06 -0.93
N ASP A 65 -9.57 -10.40 -1.86
CA ASP A 65 -9.82 -10.65 -3.27
C ASP A 65 -8.65 -10.13 -4.11
N ILE A 66 -8.62 -10.55 -5.38
CA ILE A 66 -7.56 -10.12 -6.28
C ILE A 66 -8.14 -9.29 -7.42
N ILE A 67 -7.52 -8.14 -7.67
CA ILE A 67 -7.98 -7.26 -8.74
C ILE A 67 -6.83 -6.87 -9.66
N THR A 68 -7.16 -6.45 -10.87
CA THR A 68 -6.13 -6.06 -11.82
C THR A 68 -6.36 -4.63 -12.31
N ILE A 69 -5.29 -3.96 -12.70
CA ILE A 69 -5.38 -2.60 -13.19
C ILE A 69 -5.28 -2.54 -14.71
N CYS A 70 -6.42 -2.36 -15.35
CA CYS A 70 -6.48 -2.30 -16.81
C CYS A 70 -7.89 -1.89 -17.25
N LYS A 71 -8.01 -0.68 -17.78
CA LYS A 71 -9.30 -0.18 -18.22
C LYS A 71 -9.91 -1.10 -19.29
N ASP A 72 -9.06 -1.66 -20.15
CA ASP A 72 -9.53 -2.53 -21.22
C ASP A 72 -10.29 -3.74 -20.66
N LYS A 73 -9.79 -4.28 -19.55
CA LYS A 73 -10.44 -5.45 -18.95
C LYS A 73 -11.37 -5.04 -17.80
N LEU A 74 -10.91 -4.10 -16.99
CA LEU A 74 -11.69 -3.62 -15.86
C LEU A 74 -11.91 -2.12 -15.93
N PRO A 75 -12.93 -1.70 -16.64
CA PRO A 75 -13.25 -0.26 -16.77
C PRO A 75 -13.08 0.44 -15.44
N ASN A 76 -13.20 1.77 -15.44
CA ASN A 76 -13.04 2.52 -14.20
C ASN A 76 -11.58 2.55 -13.79
N TYR A 77 -10.69 2.49 -14.77
CA TYR A 77 -9.26 2.50 -14.50
C TYR A 77 -8.85 3.84 -13.87
N GLU A 78 -9.32 4.94 -14.44
CA GLU A 78 -8.95 6.25 -13.93
C GLU A 78 -9.60 6.55 -12.59
N GLU A 79 -10.90 6.31 -12.47
CA GLU A 79 -11.58 6.60 -11.21
C GLU A 79 -11.08 5.67 -10.11
N LYS A 80 -10.87 4.40 -10.46
CA LYS A 80 -10.37 3.43 -9.50
C LYS A 80 -8.94 3.75 -9.10
N ILE A 81 -8.09 4.01 -10.10
CA ILE A 81 -6.69 4.32 -9.84
C ILE A 81 -6.57 5.67 -9.13
N LYS A 82 -7.35 6.64 -9.59
CA LYS A 82 -7.32 7.96 -9.00
C LYS A 82 -7.60 7.87 -7.50
N MET A 83 -8.52 7.00 -7.12
CA MET A 83 -8.87 6.83 -5.71
C MET A 83 -7.65 6.38 -4.91
N PHE A 84 -6.91 5.43 -5.47
CA PHE A 84 -5.70 4.92 -4.82
C PHE A 84 -4.57 5.95 -4.89
N TYR A 85 -4.53 6.69 -5.99
CA TYR A 85 -3.50 7.70 -6.20
C TYR A 85 -3.52 8.76 -5.10
N GLU A 86 -4.70 9.26 -4.76
CA GLU A 86 -4.80 10.28 -3.72
C GLU A 86 -4.36 9.72 -2.38
N GLU A 87 -3.47 10.43 -1.70
CA GLU A 87 -2.98 9.98 -0.41
C GLU A 87 -4.11 9.94 0.61
N HIS A 88 -4.14 8.88 1.42
CA HIS A 88 -5.17 8.74 2.44
C HIS A 88 -4.64 7.94 3.62
N LEU A 89 -5.45 7.89 4.68
CA LEU A 89 -5.06 7.16 5.88
C LEU A 89 -6.22 6.29 6.37
N HIS A 90 -5.99 5.57 7.47
CA HIS A 90 -7.02 4.71 8.03
C HIS A 90 -6.59 4.18 9.39
N LEU A 91 -7.57 4.00 10.28
CA LEU A 91 -7.31 3.51 11.62
C LEU A 91 -6.79 2.07 11.60
N ASP A 92 -7.13 1.34 10.55
CA ASP A 92 -6.70 -0.06 10.44
C ASP A 92 -5.62 -0.22 9.38
N ASP A 93 -4.75 -1.21 9.59
CA ASP A 93 -3.67 -1.49 8.66
C ASP A 93 -4.15 -2.37 7.51
N GLU A 94 -3.86 -1.96 6.28
CA GLU A 94 -4.28 -2.73 5.11
C GLU A 94 -3.07 -3.39 4.45
N ILE A 95 -3.25 -4.63 4.00
CA ILE A 95 -2.17 -5.36 3.35
C ILE A 95 -2.50 -5.60 1.88
N ARG A 96 -1.53 -5.33 1.00
CA ARG A 96 -1.74 -5.53 -0.42
C ARG A 96 -0.69 -6.47 -1.01
N TYR A 97 -1.14 -7.36 -1.88
CA TYR A 97 -0.23 -8.32 -2.50
C TYR A 97 -0.20 -8.12 -4.02
N ILE A 98 1.00 -8.03 -4.58
CA ILE A 98 1.14 -7.84 -6.02
C ILE A 98 1.23 -9.19 -6.72
N LEU A 99 0.09 -9.68 -7.17
CA LEU A 99 0.03 -10.97 -7.86
C LEU A 99 0.46 -10.81 -9.33
N ASP A 100 0.15 -9.65 -9.90
CA ASP A 100 0.50 -9.39 -11.30
C ASP A 100 2.01 -9.31 -11.47
N GLY A 101 2.61 -8.27 -10.91
CA GLY A 101 4.05 -8.10 -11.01
C GLY A 101 4.49 -6.65 -10.81
N SER A 102 3.63 -5.70 -11.15
CA SER A 102 3.99 -4.29 -11.00
C SER A 102 3.14 -3.61 -9.95
N GLY A 103 3.78 -2.72 -9.17
CA GLY A 103 3.08 -1.99 -8.12
C GLY A 103 4.00 -0.94 -7.50
N TYR A 104 3.54 0.31 -7.48
CA TYR A 104 4.33 1.39 -6.92
C TYR A 104 3.64 1.99 -5.69
N PHE A 105 4.39 2.15 -4.61
CA PHE A 105 3.84 2.70 -3.38
C PHE A 105 4.83 3.69 -2.76
N ASP A 106 4.31 4.60 -1.94
CA ASP A 106 5.15 5.59 -1.27
C ASP A 106 4.62 5.89 0.12
N VAL A 107 5.52 6.26 1.03
CA VAL A 107 5.13 6.57 2.39
C VAL A 107 5.74 7.89 2.85
N ARG A 108 4.97 8.67 3.61
CA ARG A 108 5.44 9.95 4.10
C ARG A 108 5.75 9.86 5.60
N ASP A 109 6.88 10.45 6.00
CA ASP A 109 7.28 10.43 7.40
C ASP A 109 7.00 11.78 8.06
N LYS A 110 6.86 11.77 9.38
CA LYS A 110 6.59 13.00 10.12
C LYS A 110 7.70 14.01 9.88
N GLU A 111 8.91 13.50 9.68
CA GLU A 111 10.07 14.34 9.44
C GLU A 111 9.95 15.03 8.08
N ASP A 112 8.86 14.74 7.37
CA ASP A 112 8.63 15.33 6.06
C ASP A 112 9.48 14.64 5.00
N GLN A 113 9.74 13.35 5.21
CA GLN A 113 10.55 12.59 4.28
C GLN A 113 9.67 11.58 3.53
N TRP A 114 10.01 11.34 2.27
CA TRP A 114 9.25 10.40 1.47
C TRP A 114 10.08 9.17 1.12
N ILE A 115 9.44 8.01 1.16
CA ILE A 115 10.12 6.76 0.84
C ILE A 115 9.53 6.15 -0.43
N ARG A 116 10.38 5.89 -1.40
CA ARG A 116 9.90 5.28 -2.65
C ARG A 116 10.04 3.78 -2.56
N ILE A 117 8.92 3.08 -2.57
CA ILE A 117 8.93 1.62 -2.47
C ILE A 117 8.36 1.00 -3.74
N PHE A 118 9.11 0.08 -4.33
CA PHE A 118 8.66 -0.59 -5.54
C PHE A 118 8.16 -2.00 -5.22
N MET A 119 6.98 -2.33 -5.72
CA MET A 119 6.40 -3.64 -5.49
C MET A 119 6.63 -4.56 -6.68
N GLU A 120 7.18 -5.74 -6.43
CA GLU A 120 7.43 -6.70 -7.51
C GLU A 120 6.51 -7.91 -7.39
N LYS A 121 6.35 -8.62 -8.50
CA LYS A 121 5.47 -9.79 -8.53
C LYS A 121 5.72 -10.69 -7.32
N GLY A 122 4.67 -10.90 -6.53
CA GLY A 122 4.77 -11.76 -5.36
C GLY A 122 5.17 -10.96 -4.12
N ASP A 123 5.24 -9.65 -4.25
CA ASP A 123 5.63 -8.81 -3.12
C ASP A 123 4.40 -8.35 -2.34
N MET A 124 4.35 -8.72 -1.07
CA MET A 124 3.25 -8.33 -0.20
C MET A 124 3.74 -7.39 0.90
N VAL A 125 3.06 -6.26 1.07
CA VAL A 125 3.46 -5.30 2.08
C VAL A 125 2.25 -4.81 2.87
N THR A 126 2.45 -4.57 4.16
CA THR A 126 1.36 -4.09 5.01
C THR A 126 1.56 -2.61 5.31
N LEU A 127 0.50 -1.83 5.16
CA LEU A 127 0.57 -0.39 5.42
C LEU A 127 -0.06 -0.05 6.76
N PRO A 128 0.71 0.57 7.62
CA PRO A 128 0.24 0.99 8.98
C PRO A 128 -0.89 2.01 8.92
N ALA A 129 -1.83 1.91 9.85
CA ALA A 129 -2.95 2.83 9.90
C ALA A 129 -2.53 4.19 10.45
N GLY A 130 -3.10 5.26 9.89
CA GLY A 130 -2.79 6.60 10.32
C GLY A 130 -1.62 7.20 9.53
N ILE A 131 -1.26 6.52 8.45
CA ILE A 131 -0.15 7.00 7.61
C ILE A 131 -0.65 7.37 6.21
N TYR A 132 -0.01 8.34 5.59
CA TYR A 132 -0.40 8.79 4.27
C TYR A 132 0.43 8.07 3.20
N HIS A 133 -0.25 7.53 2.20
CA HIS A 133 0.43 6.80 1.14
C HIS A 133 -0.38 6.82 -0.15
N ARG A 134 0.24 6.42 -1.26
CA ARG A 134 -0.45 6.39 -2.54
C ARG A 134 0.11 5.27 -3.43
N PHE A 135 -0.74 4.73 -4.29
CA PHE A 135 -0.33 3.66 -5.19
C PHE A 135 -0.36 4.12 -6.65
N THR A 136 0.71 3.85 -7.38
CA THR A 136 0.80 4.25 -8.78
C THR A 136 1.10 3.06 -9.68
N VAL A 137 0.40 2.98 -10.81
CA VAL A 137 0.61 1.88 -11.75
C VAL A 137 1.12 2.42 -13.09
N ASP A 138 1.50 3.69 -13.10
CA ASP A 138 1.99 4.33 -14.32
C ASP A 138 3.19 3.58 -14.89
N GLU A 139 3.89 2.84 -14.04
CA GLU A 139 5.06 2.09 -14.47
C GLU A 139 4.81 1.36 -15.78
N LYS A 140 3.59 0.90 -15.98
CA LYS A 140 3.24 0.19 -17.20
C LYS A 140 1.72 0.19 -17.41
N ASN A 141 1.00 0.87 -16.54
CA ASN A 141 -0.45 0.93 -16.65
C ASN A 141 -1.05 -0.46 -16.59
N TYR A 142 -0.42 -1.34 -15.82
CA TYR A 142 -0.90 -2.70 -15.67
C TYR A 142 -0.48 -3.26 -14.31
N THR A 143 -1.39 -3.20 -13.34
CA THR A 143 -1.07 -3.71 -12.01
C THR A 143 -2.21 -4.55 -11.45
N LYS A 144 -1.88 -5.74 -10.95
CA LYS A 144 -2.87 -6.62 -10.37
C LYS A 144 -2.38 -7.09 -9.01
N ALA A 145 -3.11 -6.74 -7.96
CA ALA A 145 -2.73 -7.11 -6.60
C ALA A 145 -3.95 -7.48 -5.77
N MET A 146 -3.72 -8.26 -4.72
CA MET A 146 -4.82 -8.67 -3.84
C MET A 146 -4.94 -7.69 -2.68
N ARG A 147 -6.17 -7.29 -2.36
CA ARG A 147 -6.39 -6.33 -1.29
C ARG A 147 -7.08 -6.99 -0.10
N LEU A 148 -6.78 -6.47 1.09
CA LEU A 148 -7.37 -6.99 2.32
C LEU A 148 -8.16 -5.91 3.05
N PHE A 149 -9.45 -6.15 3.22
CA PHE A 149 -10.30 -5.20 3.93
C PHE A 149 -11.11 -5.91 5.00
N VAL A 150 -11.48 -5.19 6.04
CA VAL A 150 -12.27 -5.78 7.13
C VAL A 150 -13.66 -5.17 7.15
N GLY A 151 -14.68 -6.02 7.19
CA GLY A 151 -16.06 -5.54 7.21
C GLY A 151 -16.54 -5.22 5.80
N GLU A 152 -17.57 -4.40 5.70
CA GLU A 152 -18.12 -4.00 4.41
C GLU A 152 -17.11 -3.17 3.63
N PRO A 153 -17.12 -3.29 2.33
CA PRO A 153 -16.19 -2.54 1.44
C PRO A 153 -16.48 -1.04 1.42
N VAL A 154 -15.77 -0.28 2.25
CA VAL A 154 -15.97 1.16 2.32
C VAL A 154 -15.31 1.85 1.13
N TRP A 155 -14.26 1.22 0.60
CA TRP A 155 -13.55 1.78 -0.55
C TRP A 155 -14.51 2.03 -1.70
N THR A 156 -15.51 1.18 -1.85
CA THR A 156 -16.47 1.35 -2.92
C THR A 156 -16.91 2.82 -2.98
N ALA A 157 -17.17 3.37 -1.81
CA ALA A 157 -17.57 4.78 -1.72
C ALA A 157 -17.06 5.39 -0.42
N TYR A 158 -15.96 6.12 -0.51
CA TYR A 158 -15.39 6.76 0.67
C TYR A 158 -14.64 8.04 0.29
N ASN A 159 -14.44 8.91 1.26
CA ASN A 159 -13.72 10.16 1.02
C ASN A 159 -12.23 9.97 1.27
N ARG A 160 -11.42 10.87 0.73
CA ARG A 160 -9.98 10.79 0.90
C ARG A 160 -9.64 10.18 2.25
N PRO A 161 -10.07 10.82 3.31
CA PRO A 161 -9.80 10.34 4.71
C PRO A 161 -10.59 9.07 5.04
N ALA A 162 -9.93 8.12 5.71
CA ALA A 162 -10.57 6.88 6.09
C ALA A 162 -11.66 7.11 7.12
N ASP A 163 -11.49 8.17 7.92
CA ASP A 163 -12.46 8.49 8.96
C ASP A 163 -13.59 9.35 8.39
N HIS A 164 -13.67 9.42 7.07
CA HIS A 164 -14.70 10.23 6.44
C HIS A 164 -16.09 9.84 6.94
N PHE A 165 -16.32 8.55 7.14
CA PHE A 165 -17.62 8.09 7.63
C PHE A 165 -17.67 8.11 9.16
N GLU A 166 -18.68 8.77 9.69
CA GLU A 166 -18.83 8.87 11.15
C GLU A 166 -19.11 7.51 11.77
N ALA A 167 -20.02 6.76 11.17
CA ALA A 167 -20.40 5.44 11.67
C ALA A 167 -19.29 4.42 11.48
N ARG A 168 -18.74 4.38 10.28
CA ARG A 168 -17.67 3.43 9.98
C ARG A 168 -16.30 4.01 10.31
N GLY A 169 -16.32 5.20 10.93
CA GLY A 169 -15.07 5.86 11.30
C GLY A 169 -14.86 5.83 12.81
N GLN A 170 -14.87 7.00 13.43
CA GLN A 170 -14.68 7.09 14.88
C GLN A 170 -15.75 6.28 15.61
N TYR A 171 -16.96 6.25 15.07
CA TYR A 171 -18.05 5.51 15.68
C TYR A 171 -17.66 4.05 15.89
N VAL A 172 -16.95 3.48 14.92
CA VAL A 172 -16.53 2.09 15.01
C VAL A 172 -15.69 1.86 16.27
N LYS A 173 -14.83 2.83 16.58
CA LYS A 173 -13.98 2.72 17.76
C LYS A 173 -14.83 2.53 19.02
N PHE A 174 -15.99 3.17 19.05
CA PHE A 174 -16.88 3.05 20.20
C PHE A 174 -17.21 1.59 20.48
N LEU A 175 -17.45 0.83 19.42
CA LEU A 175 -17.79 -0.58 19.55
C LEU A 175 -16.68 -1.31 20.30
N ALA A 176 -15.44 -0.94 20.04
CA ALA A 176 -14.30 -1.58 20.70
C ALA A 176 -14.37 -1.36 22.21
N GLN A 177 -14.91 -0.22 22.61
CA GLN A 177 -15.03 0.10 24.03
C GLN A 177 -15.95 -0.90 24.74
N THR A 178 -16.95 -1.38 24.00
CA THR A 178 -17.90 -2.34 24.57
C THR A 178 -17.21 -3.65 24.86
N MET A 1 17.18 -7.63 -0.20
CA MET A 1 16.08 -7.88 0.77
C MET A 1 14.79 -7.23 0.26
N VAL A 2 14.74 -5.90 0.37
CA VAL A 2 13.57 -5.16 -0.09
C VAL A 2 13.98 -4.04 -1.03
N GLN A 3 13.17 -3.81 -2.07
CA GLN A 3 13.46 -2.76 -3.03
C GLN A 3 12.73 -1.48 -2.66
N ALA A 4 13.51 -0.45 -2.31
CA ALA A 4 12.93 0.83 -1.93
C ALA A 4 13.99 1.92 -1.99
N TRP A 5 13.57 3.17 -2.02
CA TRP A 5 14.51 4.27 -2.10
C TRP A 5 14.27 5.30 -1.00
N TYR A 6 15.36 5.94 -0.55
CA TYR A 6 15.25 6.96 0.49
C TYR A 6 15.51 8.32 -0.13
N MET A 7 14.50 8.85 -0.82
CA MET A 7 14.63 10.13 -1.48
C MET A 7 14.64 11.28 -0.49
N ASP A 8 14.66 10.97 0.80
CA ASP A 8 14.67 12.00 1.82
C ASP A 8 15.83 12.95 1.58
N ASP A 9 16.93 12.41 1.08
CA ASP A 9 18.10 13.21 0.78
C ASP A 9 18.27 13.39 -0.73
N ALA A 10 17.28 12.91 -1.48
CA ALA A 10 17.32 13.00 -2.93
C ALA A 10 16.35 14.07 -3.43
N PRO A 11 16.63 14.63 -4.58
CA PRO A 11 15.78 15.69 -5.19
C PRO A 11 14.41 15.14 -5.61
N GLY A 12 13.38 15.95 -5.41
CA GLY A 12 12.02 15.55 -5.77
C GLY A 12 11.82 15.56 -7.28
N ASP A 13 12.87 15.23 -8.03
CA ASP A 13 12.80 15.21 -9.48
C ASP A 13 12.62 13.79 -9.99
N PRO A 14 11.46 13.47 -10.51
CA PRO A 14 11.14 12.11 -11.04
C PRO A 14 12.13 11.66 -12.10
N ARG A 15 12.64 12.62 -12.88
CA ARG A 15 13.59 12.30 -13.94
C ARG A 15 14.77 11.52 -13.38
N GLN A 16 15.16 11.85 -12.14
CA GLN A 16 16.27 11.16 -11.49
C GLN A 16 15.74 10.10 -10.53
N PRO A 17 16.38 8.97 -10.51
CA PRO A 17 15.99 7.84 -9.61
C PRO A 17 16.05 8.24 -8.15
N HIS A 18 16.57 9.44 -7.91
CA HIS A 18 16.70 9.95 -6.54
C HIS A 18 17.80 9.19 -5.80
N ARG A 19 18.88 8.90 -6.53
CA ARG A 19 20.00 8.18 -5.93
C ARG A 19 20.99 9.16 -5.31
N PRO A 20 20.94 9.33 -4.02
CA PRO A 20 21.84 10.24 -3.28
C PRO A 20 23.31 9.85 -3.45
N ASP A 21 24.21 10.81 -3.32
CA ASP A 21 25.63 10.53 -3.47
C ASP A 21 26.33 10.55 -2.11
N PRO A 22 26.79 9.41 -1.66
CA PRO A 22 26.66 8.12 -2.40
C PRO A 22 25.23 7.57 -2.37
N GLY A 23 24.91 6.74 -3.34
CA GLY A 23 23.58 6.14 -3.43
C GLY A 23 23.36 5.15 -2.28
N ARG A 24 22.13 5.11 -1.77
CA ARG A 24 21.82 4.20 -0.67
C ARG A 24 20.34 3.82 -0.69
N PRO A 25 20.06 2.54 -0.79
CA PRO A 25 18.67 2.01 -0.79
C PRO A 25 18.02 2.14 0.57
N VAL A 26 16.70 2.17 0.59
CA VAL A 26 15.97 2.31 1.84
C VAL A 26 16.34 1.18 2.80
N GLY A 27 16.38 1.51 4.09
CA GLY A 27 16.68 0.51 5.11
C GLY A 27 15.40 -0.18 5.55
N LEU A 28 15.20 -1.39 5.07
CA LEU A 28 14.00 -2.15 5.43
C LEU A 28 13.79 -2.14 6.93
N GLU A 29 14.88 -2.26 7.67
CA GLU A 29 14.79 -2.25 9.13
C GLU A 29 14.19 -0.94 9.61
N GLN A 30 14.53 0.15 8.92
CA GLN A 30 14.01 1.46 9.29
C GLN A 30 12.49 1.49 9.19
N LEU A 31 11.96 0.92 8.10
CA LEU A 31 10.52 0.88 7.89
C LEU A 31 9.85 -0.09 8.85
N ARG A 32 10.53 -1.20 9.17
CA ARG A 32 9.94 -2.17 10.09
C ARG A 32 9.54 -1.47 11.37
N ARG A 33 10.40 -0.60 11.87
CA ARG A 33 10.09 0.17 13.07
C ARG A 33 8.91 1.09 12.78
N LEU A 34 8.83 1.53 11.53
CA LEU A 34 7.77 2.41 11.08
C LEU A 34 6.43 1.69 11.16
N GLY A 35 6.49 0.36 11.23
CA GLY A 35 5.27 -0.44 11.32
C GLY A 35 4.96 -1.08 9.98
N VAL A 36 5.95 -1.11 9.09
CA VAL A 36 5.75 -1.70 7.77
C VAL A 36 6.05 -3.19 7.78
N LEU A 37 5.09 -3.96 7.27
CA LEU A 37 5.23 -5.41 7.21
C LEU A 37 5.08 -5.90 5.77
N TYR A 38 5.85 -6.92 5.39
CA TYR A 38 5.75 -7.46 4.04
C TYR A 38 5.96 -8.97 4.04
N TRP A 39 5.34 -9.64 3.07
CA TRP A 39 5.47 -11.09 2.96
C TRP A 39 6.00 -11.48 1.58
N LYS A 40 6.88 -12.49 1.54
CA LYS A 40 7.42 -12.94 0.28
C LYS A 40 6.67 -14.17 -0.21
N LEU A 41 5.80 -13.99 -1.19
CA LEU A 41 5.03 -15.09 -1.73
C LEU A 41 4.91 -14.94 -3.25
N ASP A 42 4.78 -16.06 -3.95
CA ASP A 42 4.63 -16.02 -5.39
C ASP A 42 3.16 -16.26 -5.73
N ALA A 43 2.60 -15.43 -6.60
CA ALA A 43 1.21 -15.57 -6.98
C ALA A 43 0.90 -17.04 -7.30
N ASP A 44 1.80 -17.65 -8.05
CA ASP A 44 1.64 -19.05 -8.41
C ASP A 44 1.65 -19.92 -7.16
N LYS A 45 2.43 -19.48 -6.16
CA LYS A 45 2.51 -20.21 -4.92
C LYS A 45 1.41 -19.77 -3.96
N TYR A 46 0.68 -18.73 -4.35
CA TYR A 46 -0.41 -18.23 -3.52
C TYR A 46 -1.58 -19.21 -3.56
N GLU A 47 -2.05 -19.51 -4.76
CA GLU A 47 -3.16 -20.44 -4.93
C GLU A 47 -2.67 -21.88 -4.74
N ASN A 48 -1.51 -22.18 -5.32
CA ASN A 48 -0.95 -23.52 -5.19
C ASN A 48 -0.56 -23.78 -3.74
N ASP A 49 -0.33 -22.70 -3.01
CA ASP A 49 0.05 -22.81 -1.61
C ASP A 49 -0.91 -22.02 -0.72
N PRO A 50 -2.01 -22.62 -0.35
CA PRO A 50 -3.03 -21.99 0.52
C PRO A 50 -2.40 -21.26 1.70
N GLU A 51 -1.09 -21.45 1.89
CA GLU A 51 -0.40 -20.80 2.99
C GLU A 51 -0.84 -19.36 3.13
N LEU A 52 -1.12 -18.69 2.00
CA LEU A 52 -1.57 -17.30 2.05
C LEU A 52 -2.83 -17.21 2.91
N GLU A 53 -3.69 -18.23 2.79
CA GLU A 53 -4.91 -18.26 3.59
C GLU A 53 -4.56 -18.25 5.07
N LYS A 54 -3.44 -18.90 5.40
CA LYS A 54 -3.01 -18.96 6.79
C LYS A 54 -2.84 -17.54 7.34
N ILE A 55 -2.19 -16.69 6.55
CA ILE A 55 -1.98 -15.31 6.95
C ILE A 55 -3.32 -14.62 7.12
N ARG A 56 -4.25 -14.92 6.22
CA ARG A 56 -5.59 -14.33 6.28
C ARG A 56 -6.28 -14.71 7.58
N ARG A 57 -6.16 -15.98 7.95
CA ARG A 57 -6.78 -16.46 9.18
C ARG A 57 -6.15 -15.79 10.40
N GLU A 58 -4.84 -15.65 10.36
CA GLU A 58 -4.12 -15.03 11.47
C GLU A 58 -4.55 -13.58 11.63
N ARG A 59 -4.70 -12.89 10.51
CA ARG A 59 -5.10 -11.48 10.54
C ARG A 59 -6.61 -11.34 10.68
N ASN A 60 -7.32 -12.46 10.51
CA ASN A 60 -8.78 -12.46 10.63
C ASN A 60 -9.45 -11.61 9.54
N TYR A 61 -9.06 -11.84 8.28
CA TYR A 61 -9.66 -11.10 7.18
C TYR A 61 -10.74 -11.94 6.50
N SER A 62 -11.99 -11.48 6.58
CA SER A 62 -13.10 -12.20 5.97
C SER A 62 -13.30 -11.79 4.51
N TRP A 63 -12.72 -10.66 4.13
CA TRP A 63 -12.86 -10.19 2.76
C TRP A 63 -11.52 -10.21 2.04
N MET A 64 -11.38 -11.11 1.07
CA MET A 64 -10.15 -11.22 0.30
C MET A 64 -10.46 -11.63 -1.14
N ASP A 65 -9.78 -11.00 -2.08
CA ASP A 65 -9.99 -11.31 -3.49
C ASP A 65 -8.79 -10.87 -4.32
N ILE A 66 -8.85 -11.11 -5.63
CA ILE A 66 -7.76 -10.72 -6.51
C ILE A 66 -8.19 -9.51 -7.35
N ILE A 67 -7.38 -8.46 -7.30
CA ILE A 67 -7.68 -7.25 -8.05
C ILE A 67 -6.63 -6.95 -9.10
N THR A 68 -7.09 -6.59 -10.29
CA THR A 68 -6.18 -6.27 -11.39
C THR A 68 -6.51 -4.89 -11.93
N ILE A 69 -5.48 -4.13 -12.29
CA ILE A 69 -5.70 -2.79 -12.81
C ILE A 69 -5.37 -2.72 -14.30
N CYS A 70 -6.36 -2.31 -15.09
CA CYS A 70 -6.19 -2.19 -16.53
C CYS A 70 -7.34 -1.37 -17.10
N LYS A 71 -7.01 -0.24 -17.71
CA LYS A 71 -8.04 0.63 -18.29
C LYS A 71 -8.87 -0.13 -19.31
N ASP A 72 -8.21 -0.91 -20.16
CA ASP A 72 -8.90 -1.67 -21.19
C ASP A 72 -9.88 -2.69 -20.59
N LYS A 73 -9.47 -3.35 -19.52
CA LYS A 73 -10.32 -4.35 -18.88
C LYS A 73 -10.92 -3.83 -17.58
N LEU A 74 -10.62 -2.58 -17.24
CA LEU A 74 -11.13 -1.99 -16.01
C LEU A 74 -11.77 -0.64 -16.27
N PRO A 75 -12.99 -0.63 -16.69
CA PRO A 75 -13.74 0.63 -16.94
C PRO A 75 -13.80 1.45 -15.66
N ASN A 76 -14.08 2.74 -15.79
CA ASN A 76 -14.14 3.58 -14.60
C ASN A 76 -12.74 3.79 -14.03
N TYR A 77 -11.76 3.93 -14.92
CA TYR A 77 -10.38 4.12 -14.49
C TYR A 77 -10.21 5.44 -13.75
N GLU A 78 -10.72 6.52 -14.30
CA GLU A 78 -10.58 7.84 -13.69
C GLU A 78 -11.24 7.90 -12.31
N GLU A 79 -12.53 7.59 -12.23
CA GLU A 79 -13.22 7.65 -10.95
C GLU A 79 -12.67 6.60 -9.98
N LYS A 80 -12.41 5.40 -10.49
CA LYS A 80 -11.88 4.34 -9.64
C LYS A 80 -10.47 4.66 -9.16
N ILE A 81 -9.66 5.27 -10.03
CA ILE A 81 -8.29 5.62 -9.66
C ILE A 81 -8.26 6.77 -8.66
N LYS A 82 -8.90 7.88 -8.99
CA LYS A 82 -8.91 9.02 -8.08
C LYS A 82 -9.32 8.59 -6.68
N MET A 83 -10.14 7.55 -6.59
CA MET A 83 -10.60 7.05 -5.29
C MET A 83 -9.51 6.29 -4.56
N PHE A 84 -8.99 5.22 -5.16
CA PHE A 84 -7.95 4.44 -4.50
C PHE A 84 -6.57 5.02 -4.82
N TYR A 85 -6.30 5.25 -6.09
CA TYR A 85 -5.01 5.81 -6.51
C TYR A 85 -4.70 7.09 -5.74
N GLU A 86 -5.67 7.99 -5.66
CA GLU A 86 -5.46 9.25 -4.96
C GLU A 86 -4.98 9.01 -3.52
N GLU A 87 -4.07 9.85 -3.07
CA GLU A 87 -3.53 9.73 -1.71
C GLU A 87 -4.66 9.79 -0.69
N HIS A 88 -4.62 8.91 0.29
CA HIS A 88 -5.65 8.89 1.32
C HIS A 88 -5.14 8.21 2.59
N LEU A 89 -6.03 7.99 3.55
CA LEU A 89 -5.65 7.35 4.81
C LEU A 89 -6.78 6.46 5.32
N HIS A 90 -6.56 5.81 6.45
CA HIS A 90 -7.57 4.94 7.03
C HIS A 90 -7.17 4.50 8.43
N LEU A 91 -8.14 4.44 9.34
CA LEU A 91 -7.88 4.05 10.73
C LEU A 91 -7.81 2.53 10.86
N ASP A 92 -7.93 1.82 9.76
CA ASP A 92 -7.87 0.36 9.80
C ASP A 92 -6.57 -0.14 9.18
N ASP A 93 -6.12 -1.32 9.61
CA ASP A 93 -4.89 -1.89 9.09
C ASP A 93 -5.00 -2.13 7.60
N GLU A 94 -3.96 -1.75 6.86
CA GLU A 94 -3.95 -1.93 5.41
C GLU A 94 -2.99 -3.04 5.01
N ILE A 95 -3.54 -4.10 4.42
CA ILE A 95 -2.73 -5.22 3.98
C ILE A 95 -3.04 -5.56 2.53
N ARG A 96 -2.00 -5.68 1.70
CA ARG A 96 -2.19 -6.01 0.30
C ARG A 96 -1.13 -6.98 -0.17
N TYR A 97 -1.51 -7.84 -1.12
CA TYR A 97 -0.58 -8.82 -1.67
C TYR A 97 -0.48 -8.64 -3.18
N ILE A 98 0.73 -8.75 -3.72
CA ILE A 98 0.92 -8.57 -5.15
C ILE A 98 1.12 -9.91 -5.85
N LEU A 99 0.18 -10.29 -6.70
CA LEU A 99 0.29 -11.54 -7.44
C LEU A 99 1.12 -11.34 -8.69
N ASP A 100 0.86 -10.23 -9.38
CA ASP A 100 1.59 -9.91 -10.60
C ASP A 100 1.52 -8.42 -10.88
N GLY A 101 2.41 -7.92 -11.74
CA GLY A 101 2.44 -6.52 -12.07
C GLY A 101 3.35 -5.75 -11.12
N SER A 102 3.55 -4.47 -11.40
CA SER A 102 4.39 -3.64 -10.56
C SER A 102 3.62 -2.42 -10.06
N GLY A 103 3.84 -2.05 -8.80
CA GLY A 103 3.16 -0.90 -8.23
C GLY A 103 4.13 -0.01 -7.46
N TYR A 104 3.84 1.29 -7.43
CA TYR A 104 4.71 2.22 -6.71
C TYR A 104 3.97 2.86 -5.54
N PHE A 105 4.57 2.79 -4.35
CA PHE A 105 3.95 3.36 -3.16
C PHE A 105 4.89 4.36 -2.49
N ASP A 106 4.31 5.36 -1.85
CA ASP A 106 5.09 6.38 -1.16
C ASP A 106 4.53 6.64 0.24
N VAL A 107 5.42 6.91 1.20
CA VAL A 107 4.99 7.16 2.56
C VAL A 107 5.72 8.37 3.14
N ARG A 108 5.03 9.12 4.00
CA ARG A 108 5.63 10.31 4.60
C ARG A 108 5.81 10.11 6.10
N ASP A 109 7.04 10.31 6.56
CA ASP A 109 7.36 10.17 7.98
C ASP A 109 7.02 11.45 8.74
N LYS A 110 6.79 11.32 10.04
CA LYS A 110 6.47 12.49 10.86
C LYS A 110 7.56 13.54 10.75
N GLU A 111 8.78 13.09 10.56
CA GLU A 111 9.92 13.99 10.42
C GLU A 111 9.80 14.80 9.13
N ASP A 112 8.75 14.51 8.36
CA ASP A 112 8.53 15.21 7.10
C ASP A 112 9.47 14.69 6.03
N GLN A 113 9.67 13.37 6.02
CA GLN A 113 10.54 12.74 5.05
C GLN A 113 9.74 11.85 4.11
N TRP A 114 10.13 11.80 2.85
CA TRP A 114 9.42 10.98 1.87
C TRP A 114 10.28 9.80 1.42
N ILE A 115 9.68 8.61 1.46
CA ILE A 115 10.39 7.40 1.04
C ILE A 115 9.70 6.77 -0.16
N ARG A 116 10.48 6.38 -1.16
CA ARG A 116 9.93 5.74 -2.33
C ARG A 116 9.93 4.23 -2.14
N ILE A 117 8.75 3.62 -2.11
CA ILE A 117 8.65 2.19 -1.90
C ILE A 117 8.15 1.51 -3.17
N PHE A 118 8.89 0.50 -3.62
CA PHE A 118 8.53 -0.23 -4.83
C PHE A 118 7.99 -1.62 -4.48
N MET A 119 6.86 -1.97 -5.10
CA MET A 119 6.25 -3.28 -4.86
C MET A 119 6.46 -4.19 -6.05
N GLU A 120 7.01 -5.38 -5.80
CA GLU A 120 7.27 -6.34 -6.87
C GLU A 120 6.30 -7.52 -6.77
N LYS A 121 5.96 -8.10 -7.92
CA LYS A 121 5.03 -9.22 -7.96
C LYS A 121 5.37 -10.24 -6.88
N GLY A 122 4.33 -10.76 -6.23
CA GLY A 122 4.51 -11.76 -5.18
C GLY A 122 4.93 -11.11 -3.87
N ASP A 123 5.05 -9.79 -3.87
CA ASP A 123 5.46 -9.07 -2.67
C ASP A 123 4.25 -8.56 -1.90
N MET A 124 4.13 -9.02 -0.66
CA MET A 124 3.03 -8.60 0.20
C MET A 124 3.49 -7.46 1.11
N VAL A 125 2.66 -6.43 1.27
CA VAL A 125 3.03 -5.30 2.11
C VAL A 125 1.84 -4.84 2.96
N THR A 126 2.15 -4.41 4.19
CA THR A 126 1.11 -3.93 5.10
C THR A 126 1.43 -2.51 5.54
N LEU A 127 0.43 -1.63 5.47
CA LEU A 127 0.63 -0.24 5.86
C LEU A 127 -0.19 0.10 7.10
N PRO A 128 0.46 0.50 8.14
CA PRO A 128 -0.21 0.87 9.43
C PRO A 128 -1.24 1.97 9.22
N ALA A 129 -2.23 2.04 10.12
CA ALA A 129 -3.28 3.04 10.04
C ALA A 129 -2.80 4.37 10.62
N GLY A 130 -3.30 5.47 10.05
CA GLY A 130 -2.92 6.80 10.52
C GLY A 130 -1.78 7.37 9.71
N ILE A 131 -1.43 6.69 8.63
CA ILE A 131 -0.34 7.14 7.77
C ILE A 131 -0.87 7.54 6.39
N TYR A 132 -0.18 8.47 5.74
CA TYR A 132 -0.60 8.93 4.41
C TYR A 132 0.26 8.28 3.33
N HIS A 133 -0.39 7.81 2.27
CA HIS A 133 0.34 7.16 1.18
C HIS A 133 -0.34 7.42 -0.16
N ARG A 134 0.44 7.26 -1.23
CA ARG A 134 -0.08 7.46 -2.58
C ARG A 134 0.37 6.31 -3.49
N PHE A 135 -0.56 5.75 -4.25
CA PHE A 135 -0.22 4.64 -5.14
C PHE A 135 -0.21 5.11 -6.60
N THR A 136 0.86 4.77 -7.31
CA THR A 136 0.98 5.16 -8.71
C THR A 136 1.25 3.94 -9.60
N VAL A 137 0.48 3.82 -10.68
CA VAL A 137 0.64 2.72 -11.61
C VAL A 137 0.80 3.25 -13.04
N ASP A 138 1.06 4.55 -13.15
CA ASP A 138 1.23 5.18 -14.45
C ASP A 138 2.43 4.62 -15.20
N GLU A 139 3.38 4.06 -14.46
CA GLU A 139 4.59 3.51 -15.07
C GLU A 139 4.25 2.47 -16.13
N LYS A 140 3.20 1.70 -15.87
CA LYS A 140 2.78 0.66 -16.81
C LYS A 140 1.25 0.60 -16.89
N ASN A 141 0.59 1.10 -15.85
CA ASN A 141 -0.86 1.09 -15.81
C ASN A 141 -1.40 -0.32 -15.93
N TYR A 142 -0.72 -1.27 -15.30
CA TYR A 142 -1.15 -2.66 -15.33
C TYR A 142 -0.58 -3.42 -14.14
N THR A 143 -1.37 -3.57 -13.09
CA THR A 143 -0.93 -4.28 -11.90
C THR A 143 -1.99 -5.27 -11.42
N LYS A 144 -1.54 -6.41 -10.94
CA LYS A 144 -2.46 -7.43 -10.42
C LYS A 144 -2.07 -7.82 -9.01
N ALA A 145 -2.88 -7.43 -8.04
CA ALA A 145 -2.60 -7.74 -6.65
C ALA A 145 -3.87 -8.08 -5.89
N MET A 146 -3.73 -8.86 -4.81
CA MET A 146 -4.87 -9.25 -4.00
C MET A 146 -5.02 -8.30 -2.82
N ARG A 147 -6.27 -8.05 -2.41
CA ARG A 147 -6.52 -7.15 -1.29
C ARG A 147 -7.11 -7.91 -0.11
N LEU A 148 -6.67 -7.57 1.09
CA LEU A 148 -7.16 -8.22 2.30
C LEU A 148 -7.96 -7.25 3.15
N PHE A 149 -9.26 -7.52 3.30
CA PHE A 149 -10.12 -6.67 4.10
C PHE A 149 -11.01 -7.51 5.00
N VAL A 150 -11.48 -6.92 6.10
CA VAL A 150 -12.36 -7.63 7.01
C VAL A 150 -13.61 -6.80 7.27
N GLY A 151 -14.51 -6.78 6.29
CA GLY A 151 -15.75 -6.01 6.42
C GLY A 151 -16.46 -5.92 5.08
N GLU A 152 -17.53 -5.12 5.04
CA GLU A 152 -18.29 -4.95 3.81
C GLU A 152 -17.51 -4.09 2.81
N PRO A 153 -17.62 -4.40 1.55
CA PRO A 153 -16.93 -3.65 0.46
C PRO A 153 -17.30 -2.17 0.46
N VAL A 154 -16.81 -1.44 1.45
CA VAL A 154 -17.10 -0.02 1.57
C VAL A 154 -16.55 0.75 0.36
N TRP A 155 -15.43 0.27 -0.19
CA TRP A 155 -14.82 0.93 -1.34
C TRP A 155 -15.82 1.08 -2.48
N THR A 156 -16.77 0.15 -2.55
CA THR A 156 -17.77 0.21 -3.61
C THR A 156 -18.29 1.64 -3.74
N ALA A 157 -18.54 2.27 -2.60
CA ALA A 157 -19.01 3.65 -2.58
C ALA A 157 -18.49 4.37 -1.35
N TYR A 158 -17.45 5.17 -1.54
CA TYR A 158 -16.86 5.92 -0.43
C TYR A 158 -16.21 7.21 -0.94
N ASN A 159 -15.91 8.12 -0.01
CA ASN A 159 -15.27 9.38 -0.38
C ASN A 159 -13.76 9.23 -0.33
N ARG A 160 -13.06 10.13 -1.00
CA ARG A 160 -11.60 10.07 -1.04
C ARG A 160 -11.06 9.52 0.28
N PRO A 161 -11.40 10.14 1.37
CA PRO A 161 -10.94 9.69 2.73
C PRO A 161 -11.53 8.33 3.10
N ALA A 162 -10.68 7.42 3.58
CA ALA A 162 -11.14 6.09 3.97
C ALA A 162 -12.05 6.17 5.19
N ASP A 163 -11.82 7.18 6.03
CA ASP A 163 -12.62 7.35 7.23
C ASP A 163 -13.80 8.28 6.94
N HIS A 164 -13.97 8.64 5.68
CA HIS A 164 -15.06 9.52 5.29
C HIS A 164 -16.42 8.87 5.54
N PHE A 165 -16.48 7.55 5.41
CA PHE A 165 -17.72 6.82 5.63
C PHE A 165 -17.98 6.66 7.13
N GLU A 166 -19.21 6.98 7.54
CA GLU A 166 -19.58 6.88 8.94
C GLU A 166 -19.40 5.46 9.46
N ALA A 167 -19.86 4.50 8.68
CA ALA A 167 -19.77 3.09 9.06
C ALA A 167 -18.33 2.59 9.02
N ARG A 168 -17.63 2.92 7.93
CA ARG A 168 -16.24 2.50 7.77
C ARG A 168 -15.30 3.52 8.43
N GLY A 169 -15.89 4.53 9.07
CA GLY A 169 -15.09 5.55 9.73
C GLY A 169 -14.59 5.07 11.09
N GLN A 170 -14.06 6.00 11.88
CA GLN A 170 -13.55 5.67 13.20
C GLN A 170 -14.49 4.71 13.91
N TYR A 171 -15.75 4.71 13.49
CA TYR A 171 -16.75 3.83 14.10
C TYR A 171 -16.24 2.40 14.13
N VAL A 172 -15.55 1.99 13.06
CA VAL A 172 -15.00 0.64 12.97
C VAL A 172 -13.89 0.43 14.00
N LYS A 173 -13.23 1.52 14.39
CA LYS A 173 -12.15 1.44 15.36
C LYS A 173 -12.66 0.87 16.68
N PHE A 174 -13.93 1.12 16.98
CA PHE A 174 -14.52 0.63 18.22
C PHE A 174 -14.39 -0.89 18.31
N LEU A 175 -14.62 -1.57 17.19
CA LEU A 175 -14.53 -3.01 17.15
C LEU A 175 -13.14 -3.48 17.58
N ALA A 176 -12.12 -2.73 17.18
CA ALA A 176 -10.74 -3.09 17.53
C ALA A 176 -10.55 -3.07 19.04
N GLN A 177 -11.26 -2.18 19.71
CA GLN A 177 -11.16 -2.07 21.16
C GLN A 177 -11.63 -3.36 21.83
N THR A 178 -12.60 -4.02 21.21
CA THR A 178 -13.13 -5.27 21.75
C THR A 178 -12.35 -6.46 21.22
N MET A 1 13.60 -9.71 -0.22
CA MET A 1 14.03 -8.61 -1.12
C MET A 1 13.05 -7.45 -0.99
N VAL A 2 13.56 -6.28 -0.66
CA VAL A 2 12.72 -5.09 -0.52
C VAL A 2 13.25 -3.94 -1.37
N GLN A 3 12.38 -3.41 -2.24
CA GLN A 3 12.77 -2.30 -3.11
C GLN A 3 12.17 -1.01 -2.59
N ALA A 4 13.04 -0.10 -2.15
CA ALA A 4 12.57 1.19 -1.63
C ALA A 4 13.74 2.16 -1.56
N TRP A 5 13.44 3.45 -1.56
CA TRP A 5 14.48 4.46 -1.52
C TRP A 5 14.18 5.53 -0.48
N TYR A 6 15.24 6.09 0.09
CA TYR A 6 15.09 7.16 1.08
C TYR A 6 15.31 8.50 0.39
N MET A 7 14.26 9.07 -0.18
CA MET A 7 14.37 10.34 -0.87
C MET A 7 14.22 11.49 0.11
N ASP A 8 14.08 11.17 1.39
CA ASP A 8 13.92 12.18 2.41
C ASP A 8 15.12 13.13 2.43
N ASP A 9 16.28 12.58 2.13
CA ASP A 9 17.50 13.37 2.09
C ASP A 9 17.47 14.36 0.93
N ALA A 10 17.52 13.84 -0.29
CA ALA A 10 17.49 14.68 -1.47
C ALA A 10 16.13 14.60 -2.17
N PRO A 11 15.32 15.61 -2.01
CA PRO A 11 13.97 15.66 -2.64
C PRO A 11 14.06 15.76 -4.15
N GLY A 12 13.15 15.07 -4.84
CA GLY A 12 13.15 15.08 -6.30
C GLY A 12 11.88 14.44 -6.85
N ASP A 13 11.79 14.36 -8.18
CA ASP A 13 10.63 13.76 -8.83
C ASP A 13 10.63 12.25 -8.64
N PRO A 14 9.47 11.66 -8.55
CA PRO A 14 9.32 10.19 -8.36
C PRO A 14 9.94 9.40 -9.50
N ARG A 15 9.98 10.00 -10.69
CA ARG A 15 10.55 9.33 -11.85
C ARG A 15 11.97 8.86 -11.57
N GLN A 16 12.72 9.69 -10.86
CA GLN A 16 14.10 9.34 -10.52
C GLN A 16 14.22 9.01 -9.03
N PRO A 17 15.21 8.24 -8.67
CA PRO A 17 15.44 7.83 -7.27
C PRO A 17 16.30 8.86 -6.52
N HIS A 18 16.82 9.84 -7.26
CA HIS A 18 17.67 10.85 -6.65
C HIS A 18 18.69 10.18 -5.74
N ARG A 19 19.31 9.12 -6.24
CA ARG A 19 20.29 8.39 -5.46
C ARG A 19 21.48 9.28 -5.12
N PRO A 20 21.64 9.58 -3.86
CA PRO A 20 22.76 10.43 -3.37
C PRO A 20 24.11 9.86 -3.75
N ASP A 21 25.14 10.71 -3.72
CA ASP A 21 26.48 10.28 -4.07
C ASP A 21 27.45 10.57 -2.93
N PRO A 22 27.73 9.59 -2.10
CA PRO A 22 27.15 8.22 -2.23
C PRO A 22 25.65 8.19 -1.96
N GLY A 23 24.97 7.20 -2.53
CA GLY A 23 23.53 7.08 -2.35
C GLY A 23 23.21 6.19 -1.15
N ARG A 24 21.92 6.00 -0.88
CA ARG A 24 21.52 5.16 0.24
C ARG A 24 20.13 4.54 0.00
N PRO A 25 20.08 3.24 -0.07
CA PRO A 25 18.81 2.49 -0.28
C PRO A 25 18.03 2.32 1.02
N VAL A 26 16.73 2.07 0.89
CA VAL A 26 15.88 1.89 2.05
C VAL A 26 16.38 0.75 2.92
N GLY A 27 16.17 0.88 4.22
CA GLY A 27 16.57 -0.16 5.15
C GLY A 27 15.36 -1.02 5.51
N LEU A 28 15.34 -2.25 5.01
CA LEU A 28 14.24 -3.15 5.29
C LEU A 28 13.91 -3.15 6.77
N GLU A 29 14.95 -3.14 7.60
CA GLU A 29 14.74 -3.12 9.04
C GLU A 29 14.19 -1.77 9.50
N GLN A 30 14.57 -0.72 8.77
CA GLN A 30 14.11 0.62 9.11
C GLN A 30 12.58 0.70 8.96
N LEU A 31 12.07 0.19 7.86
CA LEU A 31 10.64 0.21 7.62
C LEU A 31 9.93 -0.75 8.56
N ARG A 32 10.59 -1.86 8.89
CA ARG A 32 10.00 -2.83 9.81
C ARG A 32 9.56 -2.12 11.08
N ARG A 33 10.41 -1.23 11.57
CA ARG A 33 10.09 -0.46 12.78
C ARG A 33 8.94 0.48 12.49
N LEU A 34 8.88 0.95 11.25
CA LEU A 34 7.82 1.87 10.84
C LEU A 34 6.47 1.17 10.91
N GLY A 35 6.49 -0.15 10.80
CA GLY A 35 5.27 -0.93 10.85
C GLY A 35 4.94 -1.52 9.49
N VAL A 36 5.97 -1.67 8.66
CA VAL A 36 5.77 -2.22 7.32
C VAL A 36 6.17 -3.68 7.26
N LEU A 37 5.26 -4.51 6.74
CA LEU A 37 5.50 -5.94 6.63
C LEU A 37 5.29 -6.38 5.19
N TYR A 38 6.13 -7.31 4.71
CA TYR A 38 5.97 -7.80 3.34
C TYR A 38 5.91 -9.32 3.31
N TRP A 39 4.95 -9.85 2.56
CA TRP A 39 4.81 -11.31 2.45
C TRP A 39 5.41 -11.80 1.14
N LYS A 40 6.29 -12.79 1.22
CA LYS A 40 6.91 -13.33 0.04
C LYS A 40 6.18 -14.58 -0.41
N LEU A 41 5.40 -14.46 -1.48
CA LEU A 41 4.64 -15.59 -1.99
C LEU A 41 4.67 -15.61 -3.51
N ASP A 42 4.64 -16.80 -4.08
CA ASP A 42 4.61 -16.93 -5.53
C ASP A 42 3.17 -17.15 -5.95
N ALA A 43 2.67 -16.31 -6.84
CA ALA A 43 1.28 -16.45 -7.28
C ALA A 43 0.97 -17.92 -7.50
N ASP A 44 1.89 -18.60 -8.16
CA ASP A 44 1.74 -20.03 -8.41
C ASP A 44 1.70 -20.77 -7.09
N LYS A 45 2.45 -20.25 -6.13
CA LYS A 45 2.50 -20.84 -4.79
C LYS A 45 1.35 -20.29 -3.96
N TYR A 46 0.75 -19.20 -4.45
CA TYR A 46 -0.37 -18.59 -3.75
C TYR A 46 -1.46 -19.64 -3.54
N GLU A 47 -1.81 -20.35 -4.61
CA GLU A 47 -2.82 -21.39 -4.52
C GLU A 47 -2.20 -22.68 -4.02
N ASN A 48 -1.01 -22.98 -4.53
CA ASN A 48 -0.31 -24.20 -4.14
C ASN A 48 0.12 -24.12 -2.69
N ASP A 49 0.24 -22.90 -2.16
CA ASP A 49 0.66 -22.72 -0.79
C ASP A 49 -0.32 -21.85 -0.01
N PRO A 50 -1.37 -22.44 0.50
CA PRO A 50 -2.39 -21.72 1.31
C PRO A 50 -1.75 -20.86 2.40
N GLU A 51 -0.44 -21.02 2.56
CA GLU A 51 0.29 -20.24 3.56
C GLU A 51 -0.19 -18.80 3.55
N LEU A 52 -0.55 -18.32 2.36
CA LEU A 52 -1.04 -16.95 2.24
C LEU A 52 -2.22 -16.75 3.17
N GLU A 53 -3.10 -17.74 3.25
CA GLU A 53 -4.27 -17.66 4.11
C GLU A 53 -3.84 -17.56 5.58
N LYS A 54 -2.74 -18.22 5.91
CA LYS A 54 -2.25 -18.17 7.28
C LYS A 54 -1.94 -16.74 7.70
N ILE A 55 -1.35 -15.98 6.80
CA ILE A 55 -1.03 -14.58 7.10
C ILE A 55 -2.33 -13.81 7.35
N ARG A 56 -3.36 -14.17 6.60
CA ARG A 56 -4.67 -13.51 6.74
C ARG A 56 -5.16 -13.66 8.17
N ARG A 57 -4.99 -14.85 8.73
CA ARG A 57 -5.43 -15.12 10.10
C ARG A 57 -4.69 -14.20 11.08
N GLU A 58 -3.42 -13.93 10.79
CA GLU A 58 -2.62 -13.07 11.65
C GLU A 58 -3.24 -11.68 11.75
N ARG A 59 -3.76 -11.19 10.63
CA ARG A 59 -4.38 -9.86 10.61
C ARG A 59 -5.90 -9.99 10.68
N ASN A 60 -6.40 -11.21 10.52
CA ASN A 60 -7.83 -11.46 10.59
C ASN A 60 -8.58 -10.65 9.54
N TYR A 61 -8.15 -10.71 8.29
CA TYR A 61 -8.85 -9.95 7.24
C TYR A 61 -10.23 -10.55 6.97
N SER A 62 -11.25 -9.73 7.08
CA SER A 62 -12.62 -10.19 6.85
C SER A 62 -12.79 -10.70 5.42
N TRP A 63 -12.12 -10.05 4.47
CA TRP A 63 -12.21 -10.46 3.08
C TRP A 63 -10.83 -10.40 2.41
N MET A 64 -10.63 -11.27 1.42
CA MET A 64 -9.36 -11.31 0.70
C MET A 64 -9.60 -11.67 -0.76
N ASP A 65 -9.25 -10.77 -1.66
CA ASP A 65 -9.44 -11.01 -3.08
C ASP A 65 -8.29 -10.42 -3.90
N ILE A 66 -8.25 -10.77 -5.18
CA ILE A 66 -7.20 -10.25 -6.06
C ILE A 66 -7.83 -9.50 -7.22
N ILE A 67 -7.17 -8.44 -7.66
CA ILE A 67 -7.67 -7.63 -8.75
C ILE A 67 -6.56 -7.32 -9.76
N THR A 68 -6.96 -7.02 -10.98
CA THR A 68 -6.00 -6.69 -12.03
C THR A 68 -6.21 -5.26 -12.51
N ILE A 69 -5.11 -4.54 -12.72
CA ILE A 69 -5.18 -3.16 -13.15
C ILE A 69 -5.17 -3.09 -14.68
N CYS A 70 -6.38 -3.00 -15.26
CA CYS A 70 -6.52 -2.92 -16.71
C CYS A 70 -7.82 -2.23 -17.06
N LYS A 71 -7.74 -1.21 -17.91
CA LYS A 71 -8.94 -0.46 -18.31
C LYS A 71 -9.97 -1.39 -18.94
N ASP A 72 -9.51 -2.32 -19.77
CA ASP A 72 -10.41 -3.26 -20.44
C ASP A 72 -11.12 -4.16 -19.43
N LYS A 73 -10.40 -4.60 -18.41
CA LYS A 73 -11.00 -5.46 -17.40
C LYS A 73 -11.38 -4.67 -16.14
N LEU A 74 -11.00 -3.40 -16.10
CA LEU A 74 -11.30 -2.57 -14.96
C LEU A 74 -12.01 -1.30 -15.38
N PRO A 75 -13.28 -1.40 -15.69
CA PRO A 75 -14.10 -0.23 -16.08
C PRO A 75 -14.04 0.84 -15.00
N ASN A 76 -14.22 2.10 -15.38
CA ASN A 76 -14.16 3.16 -14.41
C ASN A 76 -12.73 3.42 -13.99
N TYR A 77 -11.82 3.35 -14.95
CA TYR A 77 -10.41 3.57 -14.68
C TYR A 77 -10.16 4.96 -14.09
N GLU A 78 -10.85 5.97 -14.63
CA GLU A 78 -10.64 7.33 -14.14
C GLU A 78 -10.97 7.47 -12.66
N GLU A 79 -12.19 7.11 -12.26
CA GLU A 79 -12.56 7.21 -10.86
C GLU A 79 -11.86 6.14 -10.04
N LYS A 80 -11.73 4.96 -10.61
CA LYS A 80 -11.08 3.85 -9.92
C LYS A 80 -9.61 4.14 -9.67
N ILE A 81 -8.87 4.43 -10.73
CA ILE A 81 -7.44 4.73 -10.61
C ILE A 81 -7.22 6.09 -9.96
N LYS A 82 -8.09 7.05 -10.26
CA LYS A 82 -7.95 8.38 -9.67
C LYS A 82 -8.02 8.29 -8.15
N MET A 83 -8.94 7.45 -7.65
CA MET A 83 -9.09 7.28 -6.21
C MET A 83 -7.80 6.75 -5.61
N PHE A 84 -7.17 5.80 -6.29
CA PHE A 84 -5.92 5.23 -5.81
C PHE A 84 -4.79 6.25 -5.90
N TYR A 85 -4.81 7.07 -6.95
CA TYR A 85 -3.78 8.09 -7.15
C TYR A 85 -3.75 9.09 -6.00
N GLU A 86 -4.92 9.56 -5.57
CA GLU A 86 -4.98 10.53 -4.49
C GLU A 86 -4.38 9.96 -3.21
N GLU A 87 -3.61 10.78 -2.50
CA GLU A 87 -2.99 10.35 -1.25
C GLU A 87 -3.91 10.68 -0.08
N HIS A 88 -4.30 9.66 0.66
CA HIS A 88 -5.20 9.86 1.80
C HIS A 88 -4.81 8.97 2.98
N LEU A 89 -5.49 9.18 4.10
CA LEU A 89 -5.24 8.39 5.30
C LEU A 89 -6.55 7.85 5.87
N HIS A 90 -6.47 6.82 6.70
CA HIS A 90 -7.67 6.24 7.29
C HIS A 90 -7.30 5.21 8.37
N LEU A 91 -8.19 5.04 9.33
CA LEU A 91 -7.96 4.10 10.43
C LEU A 91 -7.96 2.66 9.95
N ASP A 92 -7.82 2.46 8.65
CA ASP A 92 -7.79 1.10 8.10
C ASP A 92 -6.39 0.72 7.65
N ASP A 93 -6.08 -0.56 7.75
CA ASP A 93 -4.77 -1.06 7.36
C ASP A 93 -4.73 -1.33 5.85
N GLU A 94 -3.60 -1.03 5.23
CA GLU A 94 -3.46 -1.25 3.79
C GLU A 94 -2.71 -2.56 3.52
N ILE A 95 -3.38 -3.48 2.86
CA ILE A 95 -2.77 -4.76 2.53
C ILE A 95 -2.79 -5.00 1.03
N ARG A 96 -1.61 -5.13 0.43
CA ARG A 96 -1.53 -5.36 -1.00
C ARG A 96 -0.46 -6.40 -1.33
N TYR A 97 -0.79 -7.27 -2.27
CA TYR A 97 0.12 -8.32 -2.72
C TYR A 97 0.28 -8.25 -4.23
N ILE A 98 1.52 -8.25 -4.71
CA ILE A 98 1.74 -8.18 -6.15
C ILE A 98 1.78 -9.58 -6.74
N LEU A 99 0.63 -10.04 -7.22
CA LEU A 99 0.55 -11.36 -7.83
C LEU A 99 1.21 -11.34 -9.19
N ASP A 100 1.02 -10.23 -9.91
CA ASP A 100 1.61 -10.07 -11.23
C ASP A 100 1.76 -8.59 -11.56
N GLY A 101 2.70 -8.27 -12.44
CA GLY A 101 2.94 -6.90 -12.82
C GLY A 101 3.80 -6.19 -11.79
N SER A 102 3.85 -4.88 -11.89
CA SER A 102 4.65 -4.07 -10.97
C SER A 102 3.74 -3.08 -10.23
N GLY A 103 4.09 -2.77 -8.98
CA GLY A 103 3.30 -1.83 -8.20
C GLY A 103 4.20 -0.80 -7.52
N TYR A 104 3.66 0.40 -7.34
CA TYR A 104 4.41 1.48 -6.69
C TYR A 104 3.63 2.05 -5.51
N PHE A 105 4.30 2.18 -4.37
CA PHE A 105 3.67 2.71 -3.18
C PHE A 105 4.42 3.95 -2.68
N ASP A 106 3.67 4.89 -2.11
CA ASP A 106 4.26 6.11 -1.60
C ASP A 106 3.90 6.32 -0.13
N VAL A 107 4.90 6.54 0.70
CA VAL A 107 4.67 6.74 2.13
C VAL A 107 5.43 7.97 2.63
N ARG A 108 4.82 8.69 3.56
CA ARG A 108 5.46 9.89 4.11
C ARG A 108 5.61 9.77 5.63
N ASP A 109 6.81 10.05 6.12
CA ASP A 109 7.08 9.98 7.55
C ASP A 109 6.70 11.28 8.23
N LYS A 110 6.42 11.20 9.54
CA LYS A 110 6.06 12.38 10.31
C LYS A 110 7.18 13.43 10.29
N GLU A 111 8.40 12.95 10.09
CA GLU A 111 9.56 13.83 10.05
C GLU A 111 9.48 14.80 8.88
N ASP A 112 8.37 14.73 8.14
CA ASP A 112 8.18 15.61 6.99
C ASP A 112 9.00 15.13 5.82
N GLN A 113 9.02 13.82 5.62
CA GLN A 113 9.77 13.21 4.52
C GLN A 113 9.00 12.02 3.96
N TRP A 114 9.40 11.55 2.78
CA TRP A 114 8.72 10.42 2.18
C TRP A 114 9.71 9.39 1.66
N ILE A 115 9.30 8.13 1.67
CA ILE A 115 10.14 7.04 1.20
C ILE A 115 9.51 6.35 0.01
N ARG A 116 10.32 6.05 -1.00
CA ARG A 116 9.81 5.40 -2.21
C ARG A 116 9.90 3.88 -2.07
N ILE A 117 8.75 3.22 -2.15
CA ILE A 117 8.73 1.76 -2.03
C ILE A 117 8.16 1.11 -3.29
N PHE A 118 8.90 0.15 -3.83
CA PHE A 118 8.47 -0.55 -5.04
C PHE A 118 8.08 -1.99 -4.71
N MET A 119 6.98 -2.45 -5.29
CA MET A 119 6.51 -3.81 -5.04
C MET A 119 6.76 -4.69 -6.27
N GLU A 120 7.32 -5.88 -6.02
CA GLU A 120 7.61 -6.81 -7.10
C GLU A 120 6.63 -7.99 -7.09
N LYS A 121 6.65 -8.77 -8.15
CA LYS A 121 5.76 -9.92 -8.26
C LYS A 121 6.09 -10.96 -7.18
N GLY A 122 5.08 -11.36 -6.42
CA GLY A 122 5.26 -12.35 -5.38
C GLY A 122 5.51 -11.67 -4.03
N ASP A 123 5.82 -10.39 -4.08
CA ASP A 123 6.08 -9.62 -2.86
C ASP A 123 4.85 -8.86 -2.40
N MET A 124 4.42 -9.13 -1.18
CA MET A 124 3.26 -8.45 -0.62
C MET A 124 3.73 -7.38 0.37
N VAL A 125 2.96 -6.31 0.51
CA VAL A 125 3.33 -5.24 1.43
C VAL A 125 2.14 -4.78 2.26
N THR A 126 2.40 -4.49 3.54
CA THR A 126 1.35 -4.02 4.43
C THR A 126 1.75 -2.70 5.08
N LEU A 127 0.85 -1.74 5.07
CA LEU A 127 1.13 -0.43 5.64
C LEU A 127 0.13 -0.09 6.75
N PRO A 128 0.63 0.26 7.90
CA PRO A 128 -0.22 0.62 9.07
C PRO A 128 -1.15 1.79 8.76
N ALA A 129 -2.38 1.72 9.28
CA ALA A 129 -3.35 2.78 9.05
C ALA A 129 -2.97 4.05 9.80
N GLY A 130 -3.34 5.20 9.24
CA GLY A 130 -3.05 6.48 9.86
C GLY A 130 -1.81 7.12 9.23
N ILE A 131 -1.26 6.48 8.21
CA ILE A 131 -0.08 7.02 7.54
C ILE A 131 -0.40 7.37 6.09
N TYR A 132 0.10 8.52 5.64
CA TYR A 132 -0.13 8.95 4.27
C TYR A 132 0.39 7.91 3.29
N HIS A 133 -0.45 7.50 2.35
CA HIS A 133 -0.05 6.51 1.36
C HIS A 133 -0.71 6.76 0.01
N ARG A 134 0.01 6.46 -1.06
CA ARG A 134 -0.50 6.64 -2.41
C ARG A 134 -0.19 5.42 -3.26
N PHE A 135 -1.19 4.95 -4.01
CA PHE A 135 -0.98 3.78 -4.86
C PHE A 135 -0.92 4.19 -6.33
N THR A 136 0.17 3.80 -7.00
CA THR A 136 0.33 4.13 -8.42
C THR A 136 0.72 2.88 -9.21
N VAL A 137 0.42 2.90 -10.50
CA VAL A 137 0.75 1.78 -11.37
C VAL A 137 0.65 2.18 -12.84
N ASP A 138 0.65 3.48 -13.08
CA ASP A 138 0.54 4.02 -14.44
C ASP A 138 1.82 3.75 -15.22
N GLU A 139 2.90 3.41 -14.52
CA GLU A 139 4.17 3.15 -15.18
C GLU A 139 4.05 2.02 -16.20
N LYS A 140 3.30 0.99 -15.85
CA LYS A 140 3.11 -0.14 -16.75
C LYS A 140 1.69 -0.19 -17.28
N ASN A 141 0.78 0.49 -16.60
CA ASN A 141 -0.62 0.52 -17.02
C ASN A 141 -1.20 -0.89 -17.02
N TYR A 142 -0.68 -1.74 -16.14
CA TYR A 142 -1.14 -3.12 -16.03
C TYR A 142 -0.51 -3.81 -14.84
N THR A 143 -1.22 -3.84 -13.72
CA THR A 143 -0.70 -4.47 -12.52
C THR A 143 -1.76 -5.32 -11.83
N LYS A 144 -1.38 -6.53 -11.44
CA LYS A 144 -2.31 -7.43 -10.77
C LYS A 144 -1.81 -7.74 -9.37
N ALA A 145 -2.56 -7.30 -8.35
CA ALA A 145 -2.15 -7.54 -6.97
C ALA A 145 -3.36 -7.83 -6.09
N MET A 146 -3.13 -8.55 -4.99
CA MET A 146 -4.21 -8.88 -4.06
C MET A 146 -4.32 -7.85 -2.95
N ARG A 147 -5.54 -7.60 -2.51
CA ARG A 147 -5.78 -6.63 -1.45
C ARG A 147 -6.65 -7.23 -0.36
N LEU A 148 -6.31 -6.94 0.89
CA LEU A 148 -7.07 -7.44 2.03
C LEU A 148 -7.79 -6.28 2.71
N PHE A 149 -9.08 -6.47 3.00
CA PHE A 149 -9.86 -5.42 3.64
C PHE A 149 -10.68 -5.99 4.80
N VAL A 150 -10.96 -5.13 5.78
CA VAL A 150 -11.75 -5.56 6.93
C VAL A 150 -13.07 -4.79 6.96
N GLY A 151 -14.18 -5.51 7.10
CA GLY A 151 -15.48 -4.89 7.14
C GLY A 151 -16.02 -4.64 5.74
N GLU A 152 -17.01 -3.77 5.62
CA GLU A 152 -17.61 -3.46 4.31
C GLU A 152 -16.63 -2.69 3.44
N PRO A 153 -16.80 -2.78 2.15
CA PRO A 153 -15.91 -2.07 1.17
C PRO A 153 -16.02 -0.55 1.27
N VAL A 154 -15.35 0.01 2.26
CA VAL A 154 -15.37 1.45 2.48
C VAL A 154 -14.81 2.19 1.27
N TRP A 155 -13.88 1.55 0.57
CA TRP A 155 -13.26 2.16 -0.61
C TRP A 155 -14.31 2.65 -1.59
N THR A 156 -15.41 1.91 -1.71
CA THR A 156 -16.47 2.32 -2.61
C THR A 156 -16.79 3.79 -2.37
N ALA A 157 -16.87 4.15 -1.10
CA ALA A 157 -17.13 5.54 -0.72
C ALA A 157 -16.41 5.85 0.59
N TYR A 158 -15.28 6.54 0.49
CA TYR A 158 -14.52 6.90 1.68
C TYR A 158 -14.04 8.35 1.60
N ASN A 159 -13.78 8.95 2.76
CA ASN A 159 -13.31 10.33 2.80
C ASN A 159 -11.79 10.36 2.82
N ARG A 160 -11.21 11.28 2.05
CA ARG A 160 -9.75 11.41 2.00
C ARG A 160 -9.16 11.47 3.40
N PRO A 161 -9.57 12.43 4.19
CA PRO A 161 -9.08 12.59 5.58
C PRO A 161 -9.45 11.42 6.47
N ALA A 162 -8.48 10.89 7.21
CA ALA A 162 -8.73 9.77 8.10
C ALA A 162 -9.62 10.19 9.26
N ASP A 163 -9.49 11.45 9.67
CA ASP A 163 -10.28 11.97 10.79
C ASP A 163 -11.49 12.75 10.27
N HIS A 164 -11.78 12.59 8.98
CA HIS A 164 -12.91 13.30 8.39
C HIS A 164 -14.19 13.02 9.18
N PHE A 165 -14.34 11.79 9.64
CA PHE A 165 -15.53 11.41 10.40
C PHE A 165 -15.32 11.71 11.88
N GLU A 166 -16.27 12.44 12.46
CA GLU A 166 -16.19 12.81 13.87
C GLU A 166 -16.19 11.56 14.75
N ALA A 167 -17.11 10.65 14.46
CA ALA A 167 -17.24 9.42 15.23
C ALA A 167 -16.08 8.47 14.96
N ARG A 168 -15.74 8.29 13.69
CA ARG A 168 -14.64 7.40 13.32
C ARG A 168 -13.31 8.13 13.40
N GLY A 169 -13.34 9.40 13.78
CA GLY A 169 -12.13 10.19 13.88
C GLY A 169 -11.21 9.64 14.98
N GLN A 170 -9.91 9.77 14.78
CA GLN A 170 -8.95 9.28 15.75
C GLN A 170 -9.15 9.95 17.11
N TYR A 171 -9.60 11.20 17.08
CA TYR A 171 -9.84 11.95 18.30
C TYR A 171 -10.80 11.18 19.22
N VAL A 172 -11.81 10.56 18.63
CA VAL A 172 -12.78 9.78 19.40
C VAL A 172 -12.07 8.67 20.17
N LYS A 173 -11.11 8.04 19.53
CA LYS A 173 -10.37 6.94 20.18
C LYS A 173 -9.70 7.43 21.46
N PHE A 174 -9.26 8.69 21.45
CA PHE A 174 -8.61 9.27 22.62
C PHE A 174 -9.52 9.17 23.84
N LEU A 175 -10.80 9.44 23.64
CA LEU A 175 -11.77 9.37 24.74
C LEU A 175 -11.76 7.99 25.38
N ALA A 176 -11.60 6.96 24.55
CA ALA A 176 -11.58 5.59 25.05
C ALA A 176 -10.41 5.39 26.00
N GLN A 177 -9.31 6.09 25.75
CA GLN A 177 -8.12 5.98 26.58
C GLN A 177 -8.42 6.46 28.00
N THR A 178 -9.30 7.45 28.12
CA THR A 178 -9.66 7.99 29.42
C THR A 178 -10.59 7.03 30.16
#